data_4F1L
#
_entry.id   4F1L
#
_cell.length_a   39.649
_cell.length_b   81.894
_cell.length_c   83.187
_cell.angle_alpha   60.12
_cell.angle_beta   78.32
_cell.angle_gamma   80.31
#
_symmetry.space_group_name_H-M   'P 1'
#
loop_
_entity.id
_entity.type
_entity.pdbx_description
1 polymer 'Poly [ADP-ribose] polymerase 14'
2 non-polymer '(2Z)-4-[(3-carbamoylphenyl)amino]-4-oxobut-2-enoic acid'
3 non-polymer 'NITRATE ION'
4 water water
#
_entity_poly.entity_id   1
_entity_poly.type   'polypeptide(L)'
_entity_poly.pdbx_seq_one_letter_code
;SMDMKQQNFCVVELLPSDPEYNTVASKFNQTCSHFRIEKIERIQNPDLWNSYQAKKKTMDAKNGQTMNEKQLFHGTDAGS
VPHVNRNGFNRSYAGKNAVAYGKGTYFAVNANYSANDTYSRPDANGRKHVYYVRVLTGIYTHGNHSLIVPPSKNPQNPTD
LYDTVTDNVHHPSLFVAFYDYQAYPEYLITFRK
;
_entity_poly.pdbx_strand_id   A,B,C,D
#
loop_
_chem_comp.id
_chem_comp.type
_chem_comp.name
_chem_comp.formula
0RY non-polymer '(2Z)-4-[(3-carbamoylphenyl)amino]-4-oxobut-2-enoic acid' 'C11 H10 N2 O4'
NO3 non-polymer 'NITRATE ION' 'N O3 -1'
#
# COMPACT_ATOMS: atom_id res chain seq x y z
N GLN A 7 17.15 20.53 -1.61
CA GLN A 7 15.83 20.06 -1.07
C GLN A 7 14.64 20.34 -2.04
N ASN A 8 14.82 21.36 -2.89
CA ASN A 8 13.82 21.72 -3.90
C ASN A 8 14.14 21.06 -5.22
N PHE A 9 13.11 20.86 -6.07
CA PHE A 9 13.30 20.20 -7.36
C PHE A 9 12.18 20.52 -8.33
N CYS A 10 12.45 20.23 -9.62
CA CYS A 10 11.48 20.31 -10.71
C CYS A 10 11.37 18.98 -11.42
N VAL A 11 10.19 18.73 -12.00
CA VAL A 11 9.93 17.55 -12.77
C VAL A 11 9.42 17.92 -14.14
N VAL A 12 10.12 17.45 -15.16
CA VAL A 12 9.82 17.78 -16.53
C VAL A 12 9.46 16.52 -17.30
N GLU A 13 8.25 16.50 -17.86
CA GLU A 13 7.79 15.36 -18.62
C GLU A 13 8.43 15.39 -20.01
N LEU A 14 9.05 14.30 -20.42
CA LEU A 14 9.60 14.17 -21.80
C LEU A 14 8.48 13.87 -22.81
N LEU A 15 8.52 14.51 -23.97
CA LEU A 15 7.55 14.21 -25.02
C LEU A 15 8.05 12.94 -25.71
N PRO A 16 7.13 12.08 -26.15
CA PRO A 16 7.46 10.85 -26.89
C PRO A 16 8.36 11.01 -28.11
N SER A 17 8.39 12.23 -28.66
CA SER A 17 9.15 12.54 -29.86
C SER A 17 10.52 13.15 -29.58
N ASP A 18 10.83 13.38 -28.32
CA ASP A 18 12.16 13.83 -27.91
C ASP A 18 13.17 12.67 -28.00
N PRO A 19 14.36 12.89 -28.58
CA PRO A 19 15.45 11.90 -28.55
C PRO A 19 15.74 11.27 -27.16
N GLU A 20 15.67 12.10 -26.12
CA GLU A 20 15.89 11.68 -24.74
C GLU A 20 14.83 10.66 -24.31
N TYR A 21 13.58 10.87 -24.71
CA TYR A 21 12.51 9.95 -24.39
C TYR A 21 12.86 8.62 -25.01
N ASN A 22 13.27 8.67 -26.27
CA ASN A 22 13.52 7.45 -27.02
C ASN A 22 14.71 6.66 -26.48
N THR A 23 15.74 7.35 -26.01
CA THR A 23 16.90 6.67 -25.42
C THR A 23 16.47 5.89 -24.18
N VAL A 24 15.71 6.54 -23.30
CA VAL A 24 15.32 5.92 -22.06
C VAL A 24 14.36 4.77 -22.34
N ALA A 25 13.34 5.03 -23.18
CA ALA A 25 12.35 4.02 -23.50
C ALA A 25 12.99 2.80 -24.18
N SER A 26 13.94 3.02 -25.09
CA SER A 26 14.64 1.91 -25.75
C SER A 26 15.34 1.01 -24.77
N LYS A 27 16.04 1.57 -23.79
CA LYS A 27 16.75 0.77 -22.80
C LYS A 27 15.78 -0.06 -21.95
N PHE A 28 14.76 0.60 -21.43
CA PHE A 28 13.73 -0.04 -20.64
C PHE A 28 13.15 -1.20 -21.43
N ASN A 29 12.85 -0.95 -22.71
CA ASN A 29 12.11 -1.90 -23.51
C ASN A 29 12.97 -3.08 -23.97
N GLN A 30 14.29 -3.03 -23.76
CA GLN A 30 15.12 -4.20 -24.05
C GLN A 30 14.65 -5.42 -23.32
N THR A 31 14.12 -5.21 -22.12
CA THR A 31 13.67 -6.32 -21.30
C THR A 31 12.23 -6.14 -20.81
N CYS A 32 11.65 -4.95 -20.99
CA CYS A 32 10.29 -4.63 -20.52
C CYS A 32 9.29 -4.22 -21.64
N SER A 33 9.50 -4.72 -22.85
CA SER A 33 8.63 -4.36 -24.00
C SER A 33 7.16 -4.76 -23.84
N HIS A 34 6.87 -5.75 -22.97
CA HIS A 34 5.48 -6.19 -22.69
C HIS A 34 4.71 -5.30 -21.75
N PHE A 35 5.42 -4.36 -21.12
CA PHE A 35 4.79 -3.28 -20.38
C PHE A 35 4.42 -2.09 -21.28
N ARG A 36 3.48 -1.28 -20.80
CA ARG A 36 3.08 -0.05 -21.48
C ARG A 36 3.58 1.14 -20.68
N ILE A 37 4.41 1.95 -21.31
CA ILE A 37 4.96 3.15 -20.70
C ILE A 37 3.92 4.26 -20.72
N GLU A 38 3.58 4.84 -19.57
CA GLU A 38 2.57 5.92 -19.52
C GLU A 38 3.26 7.26 -19.62
N LYS A 39 4.40 7.42 -18.95
CA LYS A 39 5.20 8.62 -19.11
C LYS A 39 6.64 8.46 -18.62
N ILE A 40 7.48 9.36 -19.06
CA ILE A 40 8.88 9.44 -18.65
C ILE A 40 9.18 10.89 -18.33
N GLU A 41 9.65 11.12 -17.09
CA GLU A 41 9.97 12.42 -16.54
C GLU A 41 11.44 12.50 -16.16
N ARG A 42 12.03 13.68 -16.33
CA ARG A 42 13.34 13.99 -15.87
C ARG A 42 13.22 14.73 -14.56
N ILE A 43 13.94 14.25 -13.56
CA ILE A 43 13.99 14.85 -12.23
C ILE A 43 15.16 15.84 -12.17
N GLN A 44 14.85 17.10 -11.85
CA GLN A 44 15.86 18.14 -11.75
C GLN A 44 15.96 18.70 -10.33
N ASN A 45 16.93 18.19 -9.56
CA ASN A 45 17.14 18.53 -8.16
C ASN A 45 18.59 19.07 -8.10
N PRO A 46 18.73 20.41 -8.11
CA PRO A 46 20.07 20.99 -8.31
C PRO A 46 21.05 20.63 -7.23
N ASP A 47 20.65 20.67 -5.98
CA ASP A 47 21.59 20.34 -4.91
C ASP A 47 22.01 18.86 -5.00
N LEU A 48 21.07 17.95 -5.27
CA LEU A 48 21.41 16.52 -5.41
C LEU A 48 22.34 16.27 -6.61
N TRP A 49 22.05 16.94 -7.71
CA TRP A 49 22.88 16.84 -8.91
C TRP A 49 24.28 17.34 -8.60
N ASN A 50 24.36 18.45 -7.87
CA ASN A 50 25.68 19.05 -7.58
C ASN A 50 26.48 18.14 -6.62
N SER A 51 25.85 17.51 -5.63
CA SER A 51 26.55 16.57 -4.79
C SER A 51 26.97 15.31 -5.54
N TYR A 52 26.12 14.84 -6.45
CA TYR A 52 26.50 13.71 -7.30
C TYR A 52 27.67 14.04 -8.24
N GLN A 53 27.64 15.20 -8.89
CA GLN A 53 28.75 15.59 -9.73
C GLN A 53 30.08 15.76 -8.95
N ALA A 54 30.03 16.24 -7.71
CA ALA A 54 31.23 16.35 -6.89
C ALA A 54 31.82 14.98 -6.55
N LYS A 55 30.97 14.00 -6.29
CA LYS A 55 31.41 12.62 -6.05
C LYS A 55 32.01 12.00 -7.33
N LYS A 56 31.39 12.28 -8.47
CA LYS A 56 31.94 11.78 -9.73
C LYS A 56 33.32 12.41 -10.01
N LYS A 57 33.45 13.72 -9.81
CA LYS A 57 34.73 14.39 -10.02
C LYS A 57 35.83 13.76 -9.16
N THR A 58 35.53 13.42 -7.90
CA THR A 58 36.50 12.76 -7.05
C THR A 58 36.82 11.29 -7.48
N MET A 59 35.81 10.57 -7.94
CA MET A 59 36.00 9.20 -8.37
C MET A 59 36.80 9.16 -9.68
N ASP A 60 36.47 10.06 -10.59
CA ASP A 60 37.16 10.18 -11.86
C ASP A 60 38.64 10.55 -11.66
N ALA A 61 38.94 11.33 -10.63
CA ALA A 61 40.35 11.66 -10.29
C ALA A 61 41.17 10.48 -9.75
N LYS A 62 40.51 9.42 -9.27
CA LYS A 62 41.23 8.34 -8.62
C LYS A 62 41.17 7.00 -9.34
N ASN A 63 40.25 6.78 -10.28
CA ASN A 63 40.06 5.43 -10.84
C ASN A 63 40.68 5.26 -12.20
N GLY A 64 41.50 6.19 -12.67
CA GLY A 64 42.23 5.96 -13.92
C GLY A 64 41.33 5.88 -15.14
N GLN A 65 41.48 4.84 -15.94
CA GLN A 65 40.64 4.67 -17.12
C GLN A 65 39.19 4.18 -16.85
N THR A 66 38.85 3.87 -15.63
CA THR A 66 37.57 3.22 -15.34
C THR A 66 36.47 4.18 -15.74
N MET A 67 35.44 3.64 -16.37
CA MET A 67 34.26 4.44 -16.70
C MET A 67 33.39 4.28 -15.45
N ASN A 68 33.36 5.32 -14.62
CA ASN A 68 32.85 5.18 -13.25
C ASN A 68 31.32 5.15 -13.14
N GLU A 69 30.64 5.58 -14.20
CA GLU A 69 29.19 5.77 -14.19
C GLU A 69 28.46 4.79 -15.09
N LYS A 70 27.34 4.27 -14.59
CA LYS A 70 26.51 3.38 -15.31
C LYS A 70 25.11 3.93 -15.15
N GLN A 71 24.24 3.66 -16.12
CA GLN A 71 22.85 4.01 -15.99
C GLN A 71 22.12 2.73 -15.73
N LEU A 72 21.46 2.68 -14.57
CA LEU A 72 20.85 1.45 -14.03
C LEU A 72 19.44 1.68 -13.58
N PHE A 73 18.70 0.61 -13.32
CA PHE A 73 17.31 0.74 -12.97
C PHE A 73 17.03 0.51 -11.49
N HIS A 74 15.96 1.16 -10.98
CA HIS A 74 15.57 0.98 -9.61
C HIS A 74 14.06 1.08 -9.50
N GLY A 75 13.43 -0.05 -9.20
CA GLY A 75 12.00 -0.07 -8.93
C GLY A 75 11.64 0.30 -7.51
N THR A 76 10.56 1.09 -7.37
CA THR A 76 10.11 1.46 -6.06
C THR A 76 8.60 1.71 -6.02
N ASP A 77 8.07 1.75 -4.82
CA ASP A 77 6.64 1.99 -4.68
C ASP A 77 6.29 3.43 -4.96
N ALA A 78 5.05 3.65 -5.33
CA ALA A 78 4.60 5.01 -5.66
C ALA A 78 4.91 6.03 -4.57
N GLY A 79 4.67 5.62 -3.34
CA GLY A 79 4.89 6.49 -2.19
C GLY A 79 6.33 6.87 -1.89
N SER A 80 7.29 6.16 -2.47
CA SER A 80 8.67 6.57 -2.30
C SER A 80 9.09 7.63 -3.32
N VAL A 81 8.31 7.85 -4.37
CA VAL A 81 8.72 8.79 -5.40
C VAL A 81 9.01 10.21 -4.92
N PRO A 82 8.14 10.78 -4.04
CA PRO A 82 8.44 12.13 -3.55
C PRO A 82 9.71 12.17 -2.68
N HIS A 83 9.97 11.10 -1.95
CA HIS A 83 11.18 11.01 -1.11
C HIS A 83 12.43 11.01 -1.99
N VAL A 84 12.44 10.13 -3.00
CA VAL A 84 13.56 10.03 -3.92
C VAL A 84 13.80 11.30 -4.71
N ASN A 85 12.74 11.84 -5.24
CA ASN A 85 12.82 13.11 -5.87
C ASN A 85 13.49 14.25 -5.04
N ARG A 86 13.20 14.35 -3.75
CA ARG A 86 13.84 15.35 -2.90
C ARG A 86 15.22 14.93 -2.37
N ASN A 87 15.37 13.65 -2.03
CA ASN A 87 16.51 13.20 -1.23
C ASN A 87 17.49 12.25 -1.94
N GLY A 88 17.16 11.82 -3.15
CA GLY A 88 17.79 10.63 -3.77
C GLY A 88 17.66 9.39 -2.91
N PHE A 89 18.65 8.49 -3.04
CA PHE A 89 18.61 7.24 -2.32
C PHE A 89 19.45 7.35 -1.06
N ASN A 90 18.97 8.17 -0.12
CA ASN A 90 19.75 8.51 1.09
C ASN A 90 19.47 7.59 2.25
N ARG A 91 20.01 7.96 3.41
CA ARG A 91 19.97 7.11 4.60
C ARG A 91 18.56 6.68 5.07
N SER A 92 17.58 7.58 4.95
CA SER A 92 16.21 7.28 5.38
C SER A 92 15.35 6.66 4.26
N TYR A 93 15.94 6.33 3.11
CA TYR A 93 15.14 5.83 1.99
C TYR A 93 14.59 4.44 2.37
N ALA A 94 13.27 4.27 2.42
CA ALA A 94 12.71 3.01 2.98
C ALA A 94 12.93 1.79 2.07
N GLY A 95 13.29 2.03 0.80
CA GLY A 95 13.52 0.92 -0.12
C GLY A 95 14.94 0.37 -0.17
N LYS A 96 15.81 0.76 0.76
CA LYS A 96 17.13 0.11 0.90
C LYS A 96 16.87 -1.33 1.36
N ASN A 97 17.75 -2.23 0.95
CA ASN A 97 17.53 -3.63 1.20
C ASN A 97 18.82 -4.29 1.72
N ALA A 98 18.73 -5.41 2.45
CA ALA A 98 19.90 -6.06 3.08
C ALA A 98 19.79 -7.53 2.81
N VAL A 99 20.33 -7.97 1.67
CA VAL A 99 20.23 -9.37 1.27
C VAL A 99 21.66 -9.86 0.92
N ALA A 100 21.83 -10.68 -0.10
CA ALA A 100 23.04 -11.51 -0.21
C ALA A 100 24.30 -10.69 -0.53
N TYR A 101 24.13 -9.49 -1.07
CA TYR A 101 25.25 -8.65 -1.51
C TYR A 101 25.51 -7.41 -0.62
N GLY A 102 24.79 -7.30 0.49
CA GLY A 102 24.97 -6.20 1.43
C GLY A 102 23.72 -5.39 1.65
N LYS A 103 23.85 -4.43 2.56
CA LYS A 103 22.80 -3.48 2.91
C LYS A 103 23.08 -2.16 2.22
N GLY A 104 22.20 -1.75 1.32
CA GLY A 104 22.39 -0.47 0.63
C GLY A 104 21.26 -0.36 -0.35
N THR A 105 21.49 0.40 -1.40
CA THR A 105 20.48 0.54 -2.45
C THR A 105 20.86 -0.24 -3.68
N TYR A 106 19.92 -1.06 -4.16
CA TYR A 106 20.11 -2.06 -5.21
C TYR A 106 19.64 -1.49 -6.51
N PHE A 107 20.45 -1.68 -7.55
CA PHE A 107 20.24 -1.14 -8.89
C PHE A 107 20.43 -2.25 -9.89
N ALA A 108 19.59 -2.31 -10.92
CA ALA A 108 19.61 -3.41 -11.88
C ALA A 108 20.15 -2.98 -13.22
N VAL A 109 20.98 -3.83 -13.82
CA VAL A 109 21.47 -3.59 -15.17
C VAL A 109 20.31 -3.61 -16.16
N ASN A 110 19.38 -4.52 -15.95
CA ASN A 110 18.22 -4.66 -16.83
C ASN A 110 16.92 -4.30 -16.13
N ALA A 111 16.03 -3.65 -16.86
CA ALA A 111 14.82 -3.09 -16.27
C ALA A 111 13.87 -4.19 -15.76
N ASN A 112 13.90 -5.37 -16.33
CA ASN A 112 12.90 -6.41 -15.95
C ASN A 112 13.04 -6.84 -14.52
N TYR A 113 14.26 -6.82 -14.06
CA TYR A 113 14.54 -7.10 -12.68
C TYR A 113 13.82 -6.09 -11.75
N SER A 114 13.95 -4.79 -12.04
CA SER A 114 13.23 -3.75 -11.29
C SER A 114 11.70 -3.73 -11.49
N ALA A 115 11.24 -4.26 -12.62
CA ALA A 115 9.82 -4.26 -12.96
C ALA A 115 9.09 -5.34 -12.19
N ASN A 116 9.85 -6.20 -11.50
CA ASN A 116 9.22 -7.17 -10.54
C ASN A 116 8.25 -6.42 -9.60
N ASP A 117 7.04 -6.95 -9.42
CA ASP A 117 6.07 -6.28 -8.53
C ASP A 117 6.58 -6.07 -7.07
N THR A 118 7.56 -6.87 -6.65
CA THR A 118 8.11 -6.71 -5.28
C THR A 118 8.83 -5.40 -5.09
N TYR A 119 9.46 -4.88 -6.17
CA TYR A 119 10.22 -3.62 -6.15
C TYR A 119 9.37 -2.46 -6.68
N SER A 120 8.90 -2.53 -7.92
CA SER A 120 8.00 -1.49 -8.43
C SER A 120 6.51 -1.86 -8.15
N ARG A 121 6.14 -1.85 -6.89
CA ARG A 121 4.77 -2.30 -6.45
C ARG A 121 3.69 -1.57 -7.26
N PRO A 122 2.76 -2.28 -7.93
CA PRO A 122 1.70 -1.55 -8.61
C PRO A 122 0.85 -0.84 -7.57
N ASP A 123 0.55 0.42 -7.82
CA ASP A 123 -0.29 1.22 -6.89
C ASP A 123 -1.77 0.89 -7.11
N ALA A 124 -2.68 1.64 -6.49
CA ALA A 124 -4.12 1.33 -6.57
C ALA A 124 -4.68 1.47 -7.98
N ASN A 125 -4.00 2.25 -8.80
CA ASN A 125 -4.36 2.40 -10.22
C ASN A 125 -3.58 1.55 -11.19
N GLY A 126 -2.75 0.67 -10.65
CA GLY A 126 -2.04 -0.28 -11.45
C GLY A 126 -0.74 0.30 -11.97
N ARG A 127 -0.38 1.52 -11.58
CA ARG A 127 0.87 2.12 -12.12
C ARG A 127 2.09 1.62 -11.37
N LYS A 128 3.16 1.37 -12.13
CA LYS A 128 4.44 0.94 -11.59
C LYS A 128 5.48 2.01 -11.92
N HIS A 129 6.49 2.13 -11.06
CA HIS A 129 7.48 3.21 -11.11
C HIS A 129 8.93 2.65 -11.03
N VAL A 130 9.72 2.89 -12.05
CA VAL A 130 11.12 2.51 -12.10
C VAL A 130 11.93 3.74 -12.55
N TYR A 131 12.95 4.08 -11.78
CA TYR A 131 13.84 5.16 -12.11
C TYR A 131 14.95 4.64 -12.98
N TYR A 132 15.49 5.48 -13.85
CA TYR A 132 16.70 5.16 -14.63
C TYR A 132 17.76 6.16 -14.19
N VAL A 133 18.76 5.62 -13.48
CA VAL A 133 19.52 6.30 -12.44
C VAL A 133 20.97 6.34 -12.86
N ARG A 134 21.62 7.47 -12.72
CA ARG A 134 23.08 7.55 -12.96
C ARG A 134 23.72 7.07 -11.66
N VAL A 135 24.50 6.00 -11.71
CA VAL A 135 25.14 5.45 -10.55
C VAL A 135 26.67 5.38 -10.72
N LEU A 136 27.41 5.83 -9.70
CA LEU A 136 28.90 5.78 -9.72
C LEU A 136 29.32 4.40 -9.21
N THR A 137 29.35 3.45 -10.14
CA THR A 137 29.71 2.06 -9.85
C THR A 137 31.22 1.96 -9.57
N GLY A 138 31.97 2.81 -10.25
CA GLY A 138 33.42 2.85 -10.06
C GLY A 138 34.07 1.48 -10.23
N ILE A 139 34.92 1.11 -9.27
CA ILE A 139 35.60 -0.20 -9.25
C ILE A 139 34.84 -1.03 -8.26
N TYR A 140 34.39 -2.19 -8.68
CA TYR A 140 33.53 -2.97 -7.79
C TYR A 140 34.04 -4.37 -7.59
N THR A 141 33.58 -5.04 -6.53
CA THR A 141 33.83 -6.46 -6.29
C THR A 141 32.55 -7.22 -5.91
N HIS A 142 32.68 -8.52 -5.68
CA HIS A 142 31.55 -9.35 -5.32
C HIS A 142 31.06 -8.99 -3.91
N GLY A 143 29.76 -8.72 -3.76
CA GLY A 143 29.21 -8.37 -2.46
C GLY A 143 29.06 -9.57 -1.52
N ASN A 144 28.67 -9.29 -0.28
CA ASN A 144 28.29 -10.31 0.68
C ASN A 144 27.37 -9.70 1.72
N HIS A 145 26.62 -10.54 2.42
CA HIS A 145 25.51 -10.09 3.25
C HIS A 145 25.92 -9.15 4.39
N SER A 146 27.18 -9.26 4.84
CA SER A 146 27.65 -8.46 5.97
C SER A 146 27.97 -7.00 5.61
N LEU A 147 28.02 -6.65 4.31
CA LEU A 147 28.53 -5.32 3.96
C LEU A 147 27.51 -4.23 4.32
N ILE A 148 28.00 -3.15 4.91
CA ILE A 148 27.25 -1.89 4.98
C ILE A 148 28.00 -0.76 4.28
N VAL A 149 29.27 -1.03 3.98
CA VAL A 149 30.10 -0.24 3.08
C VAL A 149 30.93 -1.26 2.28
N PRO A 150 31.52 -0.82 1.15
CA PRO A 150 32.18 -1.89 0.40
C PRO A 150 33.49 -2.24 1.10
N PRO A 151 34.02 -3.44 0.81
CA PRO A 151 35.27 -3.83 1.45
C PRO A 151 36.47 -2.98 0.97
N SER A 152 37.56 -3.02 1.73
CA SER A 152 38.79 -2.36 1.32
C SER A 152 39.46 -3.18 0.19
N LYS A 153 40.11 -2.48 -0.74
CA LYS A 153 40.71 -3.11 -1.92
C LYS A 153 41.97 -3.85 -1.54
N ASN A 154 42.81 -3.17 -0.74
CA ASN A 154 44.12 -3.70 -0.37
C ASN A 154 44.28 -3.64 1.17
N PRO A 155 44.24 -4.81 1.85
CA PRO A 155 44.48 -4.85 3.30
C PRO A 155 45.84 -4.29 3.71
N GLN A 156 46.76 -4.13 2.76
CA GLN A 156 48.06 -3.48 3.02
C GLN A 156 48.05 -1.93 2.87
N ASN A 157 46.92 -1.38 2.42
CA ASN A 157 46.66 0.06 2.45
C ASN A 157 45.13 0.30 2.44
N PRO A 158 44.42 -0.07 3.54
CA PRO A 158 42.95 -0.19 3.59
C PRO A 158 42.10 1.08 3.57
N THR A 159 42.68 2.22 3.21
CA THR A 159 41.88 3.44 3.09
C THR A 159 40.89 3.28 1.94
N ASP A 160 41.42 3.00 0.74
CA ASP A 160 40.64 3.07 -0.48
C ASP A 160 39.76 1.82 -0.45
N LEU A 161 38.46 2.06 -0.48
CA LEU A 161 37.48 0.97 -0.55
C LEU A 161 37.06 0.82 -2.01
N TYR A 162 36.49 -0.32 -2.36
CA TYR A 162 35.71 -0.48 -3.59
C TYR A 162 34.60 0.56 -3.58
N ASP A 163 34.08 0.90 -4.74
CA ASP A 163 33.07 1.95 -4.83
C ASP A 163 31.66 1.39 -4.67
N THR A 164 31.41 0.19 -5.19
CA THR A 164 30.17 -0.55 -5.13
C THR A 164 30.49 -2.03 -5.11
N VAL A 165 29.50 -2.86 -4.87
CA VAL A 165 29.62 -4.28 -5.03
C VAL A 165 28.56 -4.76 -6.01
N THR A 166 28.73 -5.98 -6.45
CA THR A 166 27.93 -6.58 -7.49
C THR A 166 27.72 -8.06 -7.18
N ASP A 167 26.81 -8.68 -7.92
CA ASP A 167 26.55 -10.09 -7.81
C ASP A 167 27.55 -10.92 -8.63
N ASN A 168 28.15 -10.34 -9.65
CA ASN A 168 29.08 -11.12 -10.51
C ASN A 168 29.99 -10.09 -11.16
N VAL A 169 31.28 -10.19 -10.85
CA VAL A 169 32.19 -9.12 -11.19
C VAL A 169 32.32 -8.97 -12.68
N HIS A 170 32.43 -10.09 -13.38
CA HIS A 170 32.67 -10.02 -14.82
C HIS A 170 31.39 -10.01 -15.67
N HIS A 171 30.24 -10.38 -15.09
CA HIS A 171 28.96 -10.30 -15.85
C HIS A 171 27.86 -9.84 -14.87
N PRO A 172 27.91 -8.56 -14.48
CA PRO A 172 27.00 -8.10 -13.41
C PRO A 172 25.58 -8.06 -13.86
N SER A 173 24.67 -8.36 -12.94
CA SER A 173 23.25 -8.06 -13.15
C SER A 173 22.71 -6.95 -12.20
N LEU A 174 23.42 -6.71 -11.11
CA LEU A 174 22.99 -5.69 -10.12
C LEU A 174 24.22 -5.09 -9.46
N PHE A 175 24.06 -3.86 -8.95
CA PHE A 175 25.00 -3.20 -8.13
C PHE A 175 24.35 -2.68 -6.87
N VAL A 176 25.09 -2.72 -5.78
CA VAL A 176 24.69 -2.09 -4.52
C VAL A 176 25.53 -0.85 -4.24
N ALA A 177 24.87 0.29 -4.01
CA ALA A 177 25.55 1.53 -3.65
C ALA A 177 25.28 1.79 -2.16
N PHE A 178 26.30 2.27 -1.48
CA PHE A 178 26.21 2.43 -0.02
C PHE A 178 26.20 3.89 0.48
N TYR A 179 26.39 4.86 -0.41
CA TYR A 179 26.57 6.26 0.03
C TYR A 179 25.59 7.19 -0.62
N ASP A 180 25.22 8.23 0.11
CA ASP A 180 24.39 9.20 -0.57
CA ASP A 180 24.44 9.33 -0.42
C ASP A 180 25.30 9.94 -1.55
N TYR A 181 24.66 10.39 -2.60
CA TYR A 181 25.30 11.13 -3.69
C TYR A 181 26.10 10.24 -4.62
N GLN A 182 25.93 8.94 -4.46
CA GLN A 182 26.51 7.97 -5.38
C GLN A 182 25.56 7.73 -6.57
N ALA A 183 24.32 8.20 -6.44
CA ALA A 183 23.27 7.91 -7.47
C ALA A 183 22.43 9.15 -7.66
N TYR A 184 22.03 9.41 -8.89
CA TYR A 184 21.18 10.53 -9.19
C TYR A 184 19.98 10.00 -9.94
N PRO A 185 18.77 10.23 -9.39
CA PRO A 185 17.55 9.68 -9.99
C PRO A 185 17.07 10.49 -11.18
N GLU A 186 17.79 10.38 -12.29
CA GLU A 186 17.60 11.22 -13.45
C GLU A 186 16.25 11.11 -14.14
N TYR A 187 15.79 9.87 -14.35
CA TYR A 187 14.52 9.70 -15.02
C TYR A 187 13.60 8.82 -14.23
N LEU A 188 12.31 9.16 -14.28
CA LEU A 188 11.27 8.34 -13.66
C LEU A 188 10.36 7.77 -14.75
N ILE A 189 10.28 6.44 -14.81
CA ILE A 189 9.44 5.78 -15.81
C ILE A 189 8.20 5.26 -15.10
N THR A 190 7.04 5.76 -15.52
CA THR A 190 5.74 5.30 -15.04
C THR A 190 5.12 4.42 -16.09
N PHE A 191 4.73 3.21 -15.68
CA PHE A 191 4.25 2.22 -16.63
C PHE A 191 3.25 1.27 -16.02
N ARG A 192 2.63 0.45 -16.85
CA ARG A 192 1.73 -0.61 -16.39
C ARG A 192 1.86 -1.94 -17.15
N LYS A 193 1.23 -3.01 -16.66
CA LYS A 193 1.34 -4.31 -17.32
C LYS A 193 0.61 -4.31 -18.70
N LYS B 5 -9.81 -29.23 -4.91
CA LYS B 5 -9.74 -29.00 -3.42
C LYS B 5 -9.84 -27.53 -3.10
N GLN B 6 -10.67 -27.20 -2.11
CA GLN B 6 -10.87 -25.81 -1.71
C GLN B 6 -9.70 -25.18 -0.94
N GLN B 7 -8.96 -26.00 -0.19
CA GLN B 7 -7.85 -25.49 0.61
C GLN B 7 -8.30 -24.44 1.65
N ASN B 8 -9.45 -24.67 2.27
CA ASN B 8 -9.88 -23.89 3.39
C ASN B 8 -8.90 -24.10 4.52
N PHE B 9 -8.85 -23.14 5.43
CA PHE B 9 -7.88 -23.17 6.45
C PHE B 9 -8.37 -22.59 7.73
N CYS B 10 -7.62 -22.92 8.77
CA CYS B 10 -7.78 -22.34 10.08
C CYS B 10 -6.41 -21.80 10.55
N VAL B 11 -6.46 -20.85 11.48
CA VAL B 11 -5.30 -20.29 12.10
C VAL B 11 -5.45 -20.45 13.61
N VAL B 12 -4.39 -20.96 14.22
CA VAL B 12 -4.34 -21.20 15.65
C VAL B 12 -3.12 -20.55 16.21
N GLU B 13 -3.28 -19.75 17.28
CA GLU B 13 -2.12 -19.16 17.93
C GLU B 13 -1.32 -20.23 18.64
N LEU B 14 -0.01 -20.13 18.57
CA LEU B 14 0.90 -20.89 19.46
C LEU B 14 1.14 -20.04 20.70
N LEU B 15 0.98 -20.60 21.88
CA LEU B 15 1.27 -19.89 23.10
C LEU B 15 2.74 -20.16 23.40
N PRO B 16 3.43 -19.23 24.09
CA PRO B 16 4.80 -19.51 24.49
C PRO B 16 4.97 -20.80 25.26
N SER B 17 3.89 -21.37 25.78
CA SER B 17 3.95 -22.64 26.51
C SER B 17 3.96 -23.92 25.64
N ASP B 18 3.69 -23.79 24.35
CA ASP B 18 3.89 -24.89 23.42
C ASP B 18 5.40 -24.94 23.05
N PRO B 19 6.03 -26.13 23.09
CA PRO B 19 7.48 -26.24 22.81
C PRO B 19 7.87 -25.85 21.38
N GLU B 20 6.92 -26.04 20.46
CA GLU B 20 7.07 -25.62 19.09
C GLU B 20 7.33 -24.12 19.05
N TYR B 21 6.80 -23.37 20.03
CA TYR B 21 6.97 -21.93 20.05
C TYR B 21 8.42 -21.57 20.18
N ASN B 22 9.08 -22.16 21.19
CA ASN B 22 10.49 -21.89 21.41
C ASN B 22 11.38 -22.31 20.27
N THR B 23 11.07 -23.43 19.61
CA THR B 23 11.82 -23.86 18.42
C THR B 23 11.81 -22.82 17.27
N VAL B 24 10.62 -22.35 16.96
CA VAL B 24 10.42 -21.36 15.92
C VAL B 24 11.00 -20.01 16.31
N ALA B 25 10.72 -19.58 17.53
CA ALA B 25 11.21 -18.32 18.01
C ALA B 25 12.72 -18.29 18.06
N SER B 26 13.35 -19.37 18.53
CA SER B 26 14.79 -19.36 18.63
C SER B 26 15.42 -19.28 17.26
N LYS B 27 14.84 -19.96 16.27
CA LYS B 27 15.35 -19.90 14.92
C LYS B 27 15.27 -18.45 14.39
N PHE B 28 14.10 -17.83 14.51
CA PHE B 28 13.91 -16.44 14.09
C PHE B 28 14.96 -15.56 14.77
N ASN B 29 15.09 -15.77 16.08
CA ASN B 29 15.94 -15.00 16.96
C ASN B 29 17.43 -15.12 16.66
N GLN B 30 17.87 -16.16 15.94
CA GLN B 30 19.28 -16.16 15.57
C GLN B 30 19.70 -14.94 14.79
N THR B 31 18.85 -14.40 13.92
CA THR B 31 19.28 -13.28 13.12
C THR B 31 18.38 -12.06 13.29
N CYS B 32 17.23 -12.23 13.94
CA CYS B 32 16.28 -11.13 14.17
C CYS B 32 16.06 -10.83 15.66
N SER B 33 17.11 -10.92 16.46
CA SER B 33 16.99 -10.65 17.88
C SER B 33 16.69 -9.18 18.20
N HIS B 34 16.96 -8.24 17.31
CA HIS B 34 16.50 -6.85 17.53
C HIS B 34 14.96 -6.66 17.41
N PHE B 35 14.25 -7.63 16.84
CA PHE B 35 12.80 -7.54 16.70
C PHE B 35 12.11 -8.26 17.84
N ARG B 36 10.92 -7.84 18.19
CA ARG B 36 10.16 -8.54 19.23
C ARG B 36 9.05 -9.33 18.59
N ILE B 37 9.05 -10.63 18.80
CA ILE B 37 7.95 -11.46 18.37
C ILE B 37 6.72 -11.10 19.22
N GLU B 38 5.63 -10.77 18.52
CA GLU B 38 4.31 -10.55 19.15
C GLU B 38 3.50 -11.83 19.28
N LYS B 39 3.53 -12.64 18.23
CA LYS B 39 2.83 -13.91 18.21
C LYS B 39 3.27 -14.83 17.09
N ILE B 40 3.00 -16.12 17.27
CA ILE B 40 3.29 -17.11 16.28
C ILE B 40 1.99 -17.92 16.13
N GLU B 41 1.57 -18.09 14.89
CA GLU B 41 0.39 -18.80 14.50
C GLU B 41 0.72 -20.01 13.63
N ARG B 42 0.01 -21.12 13.83
CA ARG B 42 0.04 -22.24 12.95
C ARG B 42 -1.07 -22.13 11.94
N ILE B 43 -0.70 -22.39 10.70
CA ILE B 43 -1.66 -22.38 9.62
C ILE B 43 -2.07 -23.81 9.36
N GLN B 44 -3.36 -24.09 9.51
CA GLN B 44 -3.87 -25.47 9.37
C GLN B 44 -4.69 -25.56 8.11
N ASN B 45 -4.14 -26.17 7.08
CA ASN B 45 -4.77 -26.29 5.77
C ASN B 45 -4.57 -27.72 5.30
N PRO B 46 -5.50 -28.63 5.67
CA PRO B 46 -5.31 -30.04 5.41
C PRO B 46 -5.19 -30.35 3.93
N ASP B 47 -5.96 -29.67 3.09
CA ASP B 47 -5.79 -29.91 1.64
C ASP B 47 -4.35 -29.56 1.15
N LEU B 48 -3.87 -28.39 1.54
CA LEU B 48 -2.55 -27.97 1.10
C LEU B 48 -1.47 -28.86 1.71
N TRP B 49 -1.58 -29.20 2.97
CA TRP B 49 -0.66 -30.12 3.63
C TRP B 49 -0.62 -31.48 2.94
N ASN B 50 -1.77 -32.00 2.57
CA ASN B 50 -1.83 -33.32 1.96
C ASN B 50 -1.12 -33.37 0.62
N SER B 51 -1.21 -32.28 -0.10
CA SER B 51 -0.64 -32.17 -1.42
C SER B 51 0.89 -31.99 -1.31
N TYR B 52 1.30 -31.17 -0.33
CA TYR B 52 2.69 -31.05 -0.02
C TYR B 52 3.31 -32.38 0.43
N GLN B 53 2.59 -33.10 1.30
CA GLN B 53 3.12 -34.35 1.79
C GLN B 53 3.19 -35.37 0.66
N ALA B 54 2.31 -35.25 -0.34
CA ALA B 54 2.44 -36.11 -1.55
C ALA B 54 3.73 -35.86 -2.31
N LYS B 55 4.06 -34.59 -2.55
CA LYS B 55 5.30 -34.22 -3.23
C LYS B 55 6.52 -34.68 -2.45
N LYS B 56 6.43 -34.59 -1.13
CA LYS B 56 7.56 -35.03 -0.31
C LYS B 56 7.78 -36.54 -0.41
N LYS B 57 6.70 -37.31 -0.37
CA LYS B 57 6.82 -38.76 -0.54
C LYS B 57 7.51 -39.04 -1.85
N THR B 58 7.07 -38.40 -2.93
CA THR B 58 7.68 -38.61 -4.23
C THR B 58 9.18 -38.30 -4.24
N MET B 59 9.53 -37.21 -3.56
CA MET B 59 10.88 -36.72 -3.56
C MET B 59 11.73 -37.63 -2.70
N ASP B 60 11.20 -38.09 -1.57
CA ASP B 60 11.98 -38.90 -0.67
C ASP B 60 12.31 -40.25 -1.34
N ALA B 61 11.40 -40.74 -2.20
CA ALA B 61 11.56 -42.01 -2.93
C ALA B 61 12.66 -41.95 -3.96
N LYS B 62 13.05 -40.77 -4.39
CA LYS B 62 14.07 -40.66 -5.43
C LYS B 62 15.39 -40.05 -5.09
N ASN B 63 15.55 -39.39 -3.93
CA ASN B 63 16.79 -38.63 -3.68
C ASN B 63 17.73 -39.25 -2.64
N GLY B 64 17.48 -40.49 -2.26
CA GLY B 64 18.42 -41.26 -1.48
C GLY B 64 18.49 -40.69 -0.11
N GLN B 65 19.71 -40.48 0.37
CA GLN B 65 19.94 -39.96 1.71
C GLN B 65 19.54 -38.50 1.90
N THR B 66 19.28 -37.79 0.80
CA THR B 66 19.07 -36.35 0.84
C THR B 66 17.93 -36.05 1.82
N MET B 67 18.17 -35.05 2.64
CA MET B 67 17.12 -34.47 3.52
C MET B 67 16.42 -33.41 2.65
N ASN B 68 15.30 -33.79 2.09
CA ASN B 68 14.75 -33.03 1.00
C ASN B 68 14.08 -31.74 1.49
N GLU B 69 13.79 -31.66 2.79
CA GLU B 69 12.99 -30.54 3.34
C GLU B 69 13.83 -29.71 4.25
N LYS B 70 13.73 -28.39 4.08
CA LYS B 70 14.28 -27.44 4.98
C LYS B 70 13.12 -26.55 5.51
N GLN B 71 13.31 -25.95 6.66
CA GLN B 71 12.44 -24.88 7.11
C GLN B 71 13.15 -23.53 6.86
N LEU B 72 12.51 -22.68 6.09
CA LEU B 72 13.07 -21.45 5.51
C LEU B 72 12.11 -20.28 5.76
N PHE B 73 12.59 -19.07 5.59
CA PHE B 73 11.74 -17.91 5.91
C PHE B 73 11.24 -17.23 4.64
N HIS B 74 10.06 -16.62 4.73
CA HIS B 74 9.51 -15.87 3.60
C HIS B 74 8.69 -14.73 4.16
N GLY B 75 9.16 -13.53 3.93
CA GLY B 75 8.47 -12.33 4.42
C GLY B 75 7.38 -12.00 3.44
N THR B 76 6.24 -11.51 3.94
CA THR B 76 5.20 -11.02 3.02
C THR B 76 4.46 -9.80 3.64
N ASP B 77 3.71 -9.10 2.81
CA ASP B 77 2.81 -8.04 3.33
C ASP B 77 1.56 -8.63 3.96
N ALA B 78 0.93 -7.85 4.82
CA ALA B 78 -0.20 -8.35 5.54
C ALA B 78 -1.30 -8.78 4.56
N GLY B 79 -1.45 -8.02 3.49
CA GLY B 79 -2.44 -8.27 2.45
C GLY B 79 -2.37 -9.64 1.83
N SER B 80 -1.14 -10.18 1.72
CA SER B 80 -0.95 -11.53 1.14
C SER B 80 -1.22 -12.68 2.06
N VAL B 81 -1.32 -12.42 3.36
CA VAL B 81 -1.38 -13.49 4.32
C VAL B 81 -2.56 -14.41 4.05
N PRO B 82 -3.74 -13.83 3.78
CA PRO B 82 -4.88 -14.73 3.56
C PRO B 82 -4.71 -15.53 2.27
N HIS B 83 -4.08 -14.95 1.25
CA HIS B 83 -3.81 -15.65 0.01
C HIS B 83 -2.81 -16.81 0.23
N VAL B 84 -1.70 -16.55 0.94
CA VAL B 84 -0.74 -17.59 1.28
C VAL B 84 -1.38 -18.70 2.13
N ASN B 85 -2.21 -18.33 3.09
CA ASN B 85 -2.79 -19.34 3.98
C ASN B 85 -3.63 -20.34 3.23
N ARG B 86 -4.28 -19.90 2.17
CA ARG B 86 -5.09 -20.76 1.32
CA ARG B 86 -5.07 -20.75 1.32
C ARG B 86 -4.28 -21.49 0.24
N ASN B 87 -3.42 -20.74 -0.46
CA ASN B 87 -2.78 -21.20 -1.70
C ASN B 87 -1.30 -21.54 -1.56
N GLY B 88 -0.75 -21.35 -0.38
CA GLY B 88 0.65 -21.46 -0.23
C GLY B 88 1.33 -20.45 -1.13
N PHE B 89 2.45 -20.86 -1.71
CA PHE B 89 3.20 -20.04 -2.63
C PHE B 89 3.05 -20.57 -4.05
N ASN B 90 1.92 -21.20 -4.31
CA ASN B 90 1.63 -21.70 -5.65
C ASN B 90 1.26 -20.52 -6.50
N ARG B 91 1.65 -20.59 -7.77
CA ARG B 91 1.14 -19.68 -8.80
C ARG B 91 -0.38 -19.91 -8.96
N SER B 92 -1.07 -18.95 -9.56
CA SER B 92 -2.54 -18.95 -9.57
C SER B 92 -3.15 -20.16 -10.24
N TYR B 93 -2.47 -20.70 -11.24
CA TYR B 93 -3.07 -21.76 -12.02
C TYR B 93 -2.36 -23.10 -11.88
N GLY B 102 6.13 -22.21 -11.74
CA GLY B 102 6.45 -21.26 -12.82
C GLY B 102 7.54 -20.32 -12.39
N LYS B 103 7.21 -19.04 -12.19
CA LYS B 103 8.19 -18.06 -11.72
C LYS B 103 8.43 -18.33 -10.26
N GLY B 104 9.68 -18.13 -9.84
CA GLY B 104 10.12 -18.72 -8.61
C GLY B 104 9.72 -17.97 -7.36
N THR B 105 9.64 -18.68 -6.25
CA THR B 105 9.37 -18.05 -4.97
C THR B 105 10.64 -18.22 -4.16
N TYR B 106 11.11 -17.12 -3.57
CA TYR B 106 12.35 -17.06 -2.82
C TYR B 106 12.12 -17.33 -1.38
N PHE B 107 13.05 -18.06 -0.77
CA PHE B 107 13.01 -18.40 0.63
C PHE B 107 14.37 -18.22 1.21
N ALA B 108 14.41 -17.71 2.42
CA ALA B 108 15.66 -17.38 3.17
C ALA B 108 16.03 -18.43 4.20
N VAL B 109 17.33 -18.79 4.24
CA VAL B 109 17.80 -19.67 5.28
C VAL B 109 17.68 -18.97 6.65
N ASN B 110 17.94 -17.68 6.71
CA ASN B 110 17.90 -16.92 7.96
C ASN B 110 16.80 -15.87 7.87
N ALA B 111 16.20 -15.55 9.01
CA ALA B 111 15.01 -14.65 9.06
C ALA B 111 15.38 -13.25 8.66
N ASN B 112 16.62 -12.87 8.89
CA ASN B 112 17.04 -11.50 8.51
C ASN B 112 16.77 -11.03 7.07
N TYR B 113 17.01 -11.85 6.04
CA TYR B 113 16.65 -11.44 4.68
C TYR B 113 15.16 -11.17 4.63
N SER B 114 14.34 -12.05 5.20
CA SER B 114 12.89 -11.90 5.07
C SER B 114 12.36 -10.71 5.87
N ALA B 115 13.13 -10.30 6.89
CA ALA B 115 12.76 -9.16 7.75
C ALA B 115 12.93 -7.78 7.15
N ASN B 116 13.60 -7.67 6.00
CA ASN B 116 13.59 -6.46 5.21
C ASN B 116 12.16 -6.00 4.92
N ASP B 117 11.96 -4.69 5.06
CA ASP B 117 10.66 -4.05 4.82
C ASP B 117 10.27 -4.27 3.38
N THR B 118 11.22 -4.49 2.48
CA THR B 118 10.84 -4.81 1.08
C THR B 118 10.01 -6.09 0.96
N TYR B 119 10.26 -7.07 1.84
CA TYR B 119 9.55 -8.33 1.84
C TYR B 119 8.43 -8.38 2.91
N SER B 120 8.75 -8.07 4.16
CA SER B 120 7.80 -8.07 5.22
C SER B 120 7.35 -6.63 5.54
N ARG B 121 6.66 -6.01 4.59
CA ARG B 121 6.18 -4.62 4.73
C ARG B 121 5.42 -4.37 6.03
N PRO B 122 5.77 -3.36 6.80
CA PRO B 122 4.97 -3.07 8.00
C PRO B 122 3.47 -2.76 7.70
N ASP B 123 2.53 -3.38 8.42
CA ASP B 123 1.08 -3.09 8.20
C ASP B 123 0.69 -1.77 8.90
N ALA B 124 -0.60 -1.44 8.95
CA ALA B 124 -1.00 -0.12 9.44
C ALA B 124 -0.69 0.06 10.92
N ASN B 125 -0.62 -1.06 11.62
CA ASN B 125 -0.30 -1.08 13.03
C ASN B 125 1.19 -1.31 13.32
N GLY B 126 2.03 -1.20 12.28
CA GLY B 126 3.49 -1.39 12.40
C GLY B 126 3.98 -2.86 12.39
N ARG B 127 3.06 -3.82 12.31
CA ARG B 127 3.40 -5.23 12.46
C ARG B 127 3.99 -5.76 11.13
N LYS B 128 4.97 -6.66 11.27
CA LYS B 128 5.60 -7.26 10.14
C LYS B 128 5.33 -8.75 10.19
N HIS B 129 5.30 -9.39 9.03
CA HIS B 129 4.90 -10.79 8.91
C HIS B 129 5.95 -11.64 8.14
N VAL B 130 6.42 -12.72 8.77
CA VAL B 130 7.34 -13.64 8.10
C VAL B 130 6.81 -15.04 8.37
N TYR B 131 6.65 -15.84 7.30
CA TYR B 131 6.32 -17.24 7.47
C TYR B 131 7.56 -18.07 7.71
N TYR B 132 7.41 -19.12 8.50
CA TYR B 132 8.46 -20.17 8.59
C TYR B 132 7.93 -21.42 7.90
N VAL B 133 8.51 -21.69 6.74
CA VAL B 133 7.90 -22.53 5.73
C VAL B 133 8.67 -23.86 5.58
N ARG B 134 7.96 -24.97 5.41
CA ARG B 134 8.59 -26.24 4.99
C ARG B 134 8.74 -26.21 3.47
N VAL B 135 9.96 -26.35 2.99
CA VAL B 135 10.25 -26.27 1.59
C VAL B 135 11.03 -27.52 1.14
N LEU B 136 10.64 -28.11 0.02
CA LEU B 136 11.24 -29.31 -0.57
C LEU B 136 12.36 -28.82 -1.49
N THR B 137 13.45 -28.52 -0.85
CA THR B 137 14.65 -28.09 -1.55
C THR B 137 15.32 -29.23 -2.34
N GLY B 138 15.23 -30.46 -1.86
CA GLY B 138 15.72 -31.62 -2.62
C GLY B 138 17.17 -31.46 -3.02
N ILE B 139 17.45 -31.72 -4.28
CA ILE B 139 18.83 -31.58 -4.85
C ILE B 139 18.83 -30.28 -5.61
N TYR B 140 19.78 -29.43 -5.31
CA TYR B 140 19.81 -28.08 -5.89
C TYR B 140 21.13 -27.74 -6.43
N THR B 141 21.09 -26.72 -7.31
CA THR B 141 22.28 -26.21 -7.97
C THR B 141 22.23 -24.66 -7.91
N HIS B 142 23.29 -24.02 -8.41
CA HIS B 142 23.40 -22.55 -8.48
C HIS B 142 22.38 -21.99 -9.47
N GLY B 143 21.72 -20.89 -9.13
CA GLY B 143 20.65 -20.37 -9.99
C GLY B 143 21.08 -19.30 -11.00
N ASN B 144 20.18 -19.00 -11.95
CA ASN B 144 20.38 -17.89 -12.91
C ASN B 144 19.06 -17.26 -13.37
N HIS B 145 19.18 -16.11 -14.04
CA HIS B 145 18.06 -15.21 -14.37
C HIS B 145 16.98 -15.82 -15.29
N SER B 146 17.41 -16.62 -16.28
CA SER B 146 16.48 -17.34 -17.18
C SER B 146 16.12 -18.73 -16.63
N LEU B 147 15.51 -18.73 -15.46
CA LEU B 147 14.85 -19.93 -14.94
C LEU B 147 13.40 -19.64 -14.60
N ILE B 148 12.50 -20.32 -15.28
CA ILE B 148 11.11 -20.45 -14.88
C ILE B 148 10.86 -21.86 -14.39
N VAL B 149 11.83 -22.76 -14.66
CA VAL B 149 12.01 -24.03 -13.95
C VAL B 149 13.50 -24.27 -13.69
N PRO B 150 13.83 -25.26 -12.86
CA PRO B 150 15.23 -25.52 -12.61
C PRO B 150 15.94 -26.12 -13.85
N PRO B 151 17.29 -26.01 -13.91
CA PRO B 151 18.03 -26.62 -15.03
C PRO B 151 17.90 -28.15 -15.07
N SER B 152 18.29 -28.76 -16.19
CA SER B 152 18.43 -30.20 -16.27
C SER B 152 19.70 -30.57 -15.56
N LYS B 153 19.66 -31.72 -14.91
CA LYS B 153 20.83 -32.32 -14.25
C LYS B 153 21.87 -32.76 -15.25
N ASN B 154 21.39 -33.36 -16.36
CA ASN B 154 22.19 -33.89 -17.49
C ASN B 154 21.63 -33.27 -18.77
N PRO B 155 22.45 -32.53 -19.55
CA PRO B 155 21.92 -31.81 -20.72
C PRO B 155 21.21 -32.73 -21.73
N GLN B 156 21.58 -34.01 -21.74
CA GLN B 156 20.99 -35.01 -22.61
C GLN B 156 20.11 -36.05 -21.88
N ASN B 157 19.44 -35.61 -20.80
CA ASN B 157 18.20 -36.23 -20.30
C ASN B 157 17.34 -35.03 -19.86
N PRO B 158 16.82 -34.27 -20.85
CA PRO B 158 16.29 -32.89 -20.65
C PRO B 158 15.09 -32.69 -19.70
N THR B 159 14.32 -33.73 -19.42
CA THR B 159 13.11 -33.64 -18.61
C THR B 159 13.38 -33.99 -17.13
N ASP B 160 14.64 -34.20 -16.79
CA ASP B 160 15.06 -34.54 -15.43
C ASP B 160 15.84 -33.40 -14.72
N LEU B 161 15.15 -32.71 -13.81
CA LEU B 161 15.60 -31.41 -13.34
C LEU B 161 16.03 -31.43 -11.88
N TYR B 162 16.82 -30.42 -11.50
CA TYR B 162 17.09 -30.10 -10.10
C TYR B 162 15.76 -29.74 -9.39
N ASP B 163 15.73 -29.83 -8.08
CA ASP B 163 14.50 -29.54 -7.34
C ASP B 163 14.31 -28.05 -7.05
N THR B 164 15.38 -27.37 -6.69
CA THR B 164 15.41 -25.95 -6.48
C THR B 164 16.76 -25.41 -6.93
N VAL B 165 16.91 -24.11 -6.82
CA VAL B 165 18.19 -23.48 -7.03
C VAL B 165 18.53 -22.56 -5.88
N THR B 166 19.80 -22.16 -5.81
CA THR B 166 20.36 -21.46 -4.70
C THR B 166 21.43 -20.44 -5.14
N ASP B 167 21.79 -19.53 -4.23
CA ASP B 167 22.83 -18.54 -4.44
C ASP B 167 24.23 -19.14 -4.32
N ASN B 168 24.36 -20.13 -3.45
CA ASN B 168 25.63 -20.75 -3.12
C ASN B 168 25.38 -22.20 -2.73
N VAL B 169 25.82 -23.12 -3.62
CA VAL B 169 25.49 -24.53 -3.48
C VAL B 169 25.96 -25.06 -2.13
N HIS B 170 27.14 -24.67 -1.75
CA HIS B 170 27.75 -25.26 -0.57
C HIS B 170 27.54 -24.46 0.74
N HIS B 171 27.28 -23.16 0.63
CA HIS B 171 26.86 -22.35 1.78
C HIS B 171 25.58 -21.56 1.39
N PRO B 172 24.45 -22.27 1.34
CA PRO B 172 23.28 -21.53 0.86
C PRO B 172 22.85 -20.41 1.77
N SER B 173 22.33 -19.36 1.20
CA SER B 173 21.59 -18.40 2.05
C SER B 173 20.15 -18.18 1.58
N LEU B 174 19.82 -18.59 0.35
CA LEU B 174 18.47 -18.51 -0.19
C LEU B 174 18.22 -19.66 -1.17
N PHE B 175 16.95 -19.99 -1.35
CA PHE B 175 16.53 -20.97 -2.31
C PHE B 175 15.39 -20.42 -3.11
N VAL B 176 15.30 -20.87 -4.34
CA VAL B 176 14.16 -20.56 -5.25
C VAL B 176 13.42 -21.84 -5.56
N ALA B 177 12.13 -21.85 -5.25
CA ALA B 177 11.28 -22.97 -5.51
C ALA B 177 10.41 -22.59 -6.71
N PHE B 178 10.19 -23.54 -7.60
CA PHE B 178 9.31 -23.31 -8.77
C PHE B 178 8.09 -24.19 -8.88
N TYR B 179 8.03 -25.27 -8.14
CA TYR B 179 7.01 -26.28 -8.43
C TYR B 179 5.80 -26.15 -7.52
N ASP B 180 4.70 -26.71 -7.97
CA ASP B 180 3.43 -26.64 -7.24
C ASP B 180 3.51 -27.51 -6.00
N TYR B 181 2.99 -27.02 -4.88
CA TYR B 181 2.94 -27.82 -3.66
C TYR B 181 4.34 -28.25 -3.12
N GLN B 182 5.34 -27.47 -3.47
CA GLN B 182 6.71 -27.64 -2.99
C GLN B 182 7.01 -27.01 -1.63
N ALA B 183 6.08 -26.17 -1.13
CA ALA B 183 6.23 -25.42 0.13
C ALA B 183 4.93 -25.39 0.93
N TYR B 184 5.04 -25.44 2.25
CA TYR B 184 3.86 -25.42 3.14
C TYR B 184 4.09 -24.33 4.18
N PRO B 185 3.18 -23.31 4.23
CA PRO B 185 3.40 -22.17 5.10
C PRO B 185 2.97 -22.47 6.53
N GLU B 186 3.74 -23.29 7.22
CA GLU B 186 3.38 -23.84 8.48
C GLU B 186 3.12 -22.82 9.56
N TYR B 187 4.05 -21.89 9.73
CA TYR B 187 3.98 -20.92 10.82
C TYR B 187 4.03 -19.50 10.33
N LEU B 188 3.20 -18.65 10.94
CA LEU B 188 3.22 -17.23 10.66
C LEU B 188 3.76 -16.46 11.90
N ILE B 189 4.88 -15.74 11.73
CA ILE B 189 5.47 -14.99 12.82
C ILE B 189 5.09 -13.52 12.65
N THR B 190 4.45 -12.92 13.68
CA THR B 190 4.12 -11.48 13.69
C THR B 190 5.00 -10.76 14.64
N PHE B 191 5.62 -9.67 14.20
CA PHE B 191 6.70 -9.09 14.96
C PHE B 191 6.86 -7.60 14.63
N ARG B 192 7.58 -6.93 15.50
CA ARG B 192 7.95 -5.54 15.26
C ARG B 192 9.18 -5.17 16.04
N LYS B 193 9.79 -4.06 15.68
CA LYS B 193 10.97 -3.55 16.38
C LYS B 193 10.61 -2.65 17.55
N GLN C 7 -7.77 -14.11 18.32
CA GLN C 7 -7.81 -15.53 18.76
C GLN C 7 -7.84 -16.42 17.47
N ASN C 8 -8.45 -17.61 17.53
CA ASN C 8 -8.38 -18.59 16.46
C ASN C 8 -9.61 -18.50 15.58
N PHE C 9 -9.45 -18.85 14.30
CA PHE C 9 -10.55 -18.73 13.34
C PHE C 9 -10.31 -19.60 12.14
N CYS C 10 -11.37 -19.83 11.38
CA CYS C 10 -11.26 -20.55 10.13
C CYS C 10 -11.91 -19.73 9.04
N VAL C 11 -11.50 -19.98 7.80
CA VAL C 11 -12.02 -19.31 6.65
C VAL C 11 -12.53 -20.32 5.64
N VAL C 12 -13.83 -20.25 5.33
CA VAL C 12 -14.39 -21.23 4.42
C VAL C 12 -14.81 -20.54 3.14
N GLU C 13 -14.32 -21.00 1.99
CA GLU C 13 -14.72 -20.40 0.73
C GLU C 13 -16.02 -21.02 0.28
N LEU C 14 -17.01 -20.18 -0.01
CA LEU C 14 -18.31 -20.65 -0.49
C LEU C 14 -18.25 -20.89 -1.97
N LEU C 15 -19.03 -21.86 -2.41
CA LEU C 15 -19.12 -22.24 -3.82
C LEU C 15 -20.21 -21.40 -4.49
N PRO C 16 -19.98 -20.95 -5.74
CA PRO C 16 -20.99 -20.17 -6.49
C PRO C 16 -22.34 -20.84 -6.48
N SER C 17 -22.34 -22.16 -6.40
CA SER C 17 -23.54 -22.98 -6.39
C SER C 17 -23.86 -23.42 -4.98
N ASP C 18 -23.95 -22.43 -4.10
CA ASP C 18 -24.36 -22.62 -2.72
C ASP C 18 -25.32 -21.45 -2.42
N PRO C 19 -26.47 -21.72 -1.77
CA PRO C 19 -27.46 -20.65 -1.48
C PRO C 19 -26.93 -19.45 -0.67
N GLU C 20 -26.04 -19.70 0.30
CA GLU C 20 -25.38 -18.61 1.02
C GLU C 20 -24.61 -17.73 0.05
N TYR C 21 -23.87 -18.33 -0.87
CA TYR C 21 -23.16 -17.54 -1.88
C TYR C 21 -24.15 -16.66 -2.63
N ASN C 22 -25.25 -17.25 -3.06
CA ASN C 22 -26.23 -16.52 -3.87
C ASN C 22 -26.87 -15.38 -3.09
N THR C 23 -27.10 -15.56 -1.78
CA THR C 23 -27.66 -14.50 -0.90
C THR C 23 -26.73 -13.29 -0.78
N VAL C 24 -25.46 -13.58 -0.51
CA VAL C 24 -24.47 -12.53 -0.38
C VAL C 24 -24.20 -11.86 -1.71
N ALA C 25 -24.02 -12.64 -2.77
CA ALA C 25 -23.77 -12.06 -4.12
C ALA C 25 -24.93 -11.15 -4.58
N SER C 26 -26.17 -11.59 -4.42
CA SER C 26 -27.32 -10.75 -4.84
C SER C 26 -27.39 -9.41 -4.09
N LYS C 27 -27.13 -9.39 -2.80
CA LYS C 27 -27.19 -8.14 -2.05
C LYS C 27 -26.09 -7.25 -2.62
N PHE C 28 -24.88 -7.80 -2.75
CA PHE C 28 -23.77 -7.00 -3.30
C PHE C 28 -24.13 -6.48 -4.69
N ASN C 29 -24.60 -7.38 -5.56
CA ASN C 29 -24.97 -7.02 -6.91
C ASN C 29 -26.20 -6.09 -7.03
N GLN C 30 -26.89 -5.75 -5.96
CA GLN C 30 -27.94 -4.73 -6.06
C GLN C 30 -27.34 -3.43 -6.50
N THR C 31 -26.12 -3.18 -6.05
CA THR C 31 -25.47 -1.93 -6.41
C THR C 31 -24.10 -2.12 -7.03
N CYS C 32 -23.57 -3.35 -7.01
CA CYS C 32 -22.21 -3.55 -7.47
C CYS C 32 -22.15 -4.60 -8.56
N SER C 33 -23.23 -4.72 -9.35
CA SER C 33 -23.28 -5.78 -10.36
C SER C 33 -22.19 -5.58 -11.40
N HIS C 34 -21.71 -4.36 -11.57
CA HIS C 34 -20.62 -4.13 -12.51
C HIS C 34 -19.25 -4.70 -12.10
N PHE C 35 -19.08 -5.07 -10.83
CA PHE C 35 -17.82 -5.70 -10.43
C PHE C 35 -17.84 -7.20 -10.61
N ARG C 36 -16.65 -7.78 -10.73
CA ARG C 36 -16.49 -9.21 -10.80
C ARG C 36 -16.10 -9.79 -9.45
N ILE C 37 -16.98 -10.64 -8.92
CA ILE C 37 -16.73 -11.33 -7.68
C ILE C 37 -15.80 -12.52 -7.96
N GLU C 38 -14.64 -12.52 -7.31
CA GLU C 38 -13.69 -13.59 -7.42
C GLU C 38 -13.93 -14.66 -6.41
N LYS C 39 -14.30 -14.26 -5.19
CA LYS C 39 -14.68 -15.22 -4.17
C LYS C 39 -15.42 -14.59 -3.00
N ILE C 40 -16.24 -15.42 -2.34
CA ILE C 40 -16.92 -15.06 -1.10
C ILE C 40 -16.53 -16.10 -0.06
N GLU C 41 -16.01 -15.62 1.07
CA GLU C 41 -15.60 -16.47 2.17
C GLU C 41 -16.42 -16.21 3.45
N ARG C 42 -16.69 -17.28 4.20
CA ARG C 42 -17.29 -17.11 5.53
C ARG C 42 -16.18 -17.16 6.56
N ILE C 43 -16.19 -16.19 7.45
CA ILE C 43 -15.23 -16.10 8.52
C ILE C 43 -15.79 -16.67 9.78
N GLN C 44 -15.12 -17.67 10.31
CA GLN C 44 -15.61 -18.37 11.51
C GLN C 44 -14.64 -18.23 12.70
N ASN C 45 -14.93 -17.28 13.58
CA ASN C 45 -14.13 -16.89 14.72
C ASN C 45 -14.97 -17.10 15.96
N PRO C 46 -14.84 -18.27 16.61
CA PRO C 46 -15.85 -18.62 17.65
C PRO C 46 -15.92 -17.64 18.82
N ASP C 47 -14.78 -17.17 19.31
CA ASP C 47 -14.82 -16.27 20.45
C ASP C 47 -15.40 -14.89 20.08
N LEU C 48 -15.09 -14.40 18.88
CA LEU C 48 -15.72 -13.19 18.38
C LEU C 48 -17.24 -13.37 18.20
N TRP C 49 -17.63 -14.51 17.66
CA TRP C 49 -19.02 -14.75 17.40
C TRP C 49 -19.82 -14.87 18.71
N ASN C 50 -19.26 -15.58 19.68
CA ASN C 50 -19.87 -15.68 21.02
C ASN C 50 -20.05 -14.35 21.71
N SER C 51 -19.03 -13.49 21.66
CA SER C 51 -19.09 -12.11 22.19
C SER C 51 -20.16 -11.27 21.50
N TYR C 52 -20.25 -11.38 20.19
CA TYR C 52 -21.28 -10.70 19.39
C TYR C 52 -22.68 -11.21 19.77
N GLN C 53 -22.81 -12.53 19.90
CA GLN C 53 -24.11 -13.11 20.24
C GLN C 53 -24.56 -12.73 21.65
N ALA C 54 -23.65 -12.62 22.61
CA ALA C 54 -23.95 -12.12 23.94
C ALA C 54 -24.42 -10.66 23.92
N LYS C 55 -23.79 -9.82 23.09
CA LYS C 55 -24.22 -8.45 23.00
C LYS C 55 -25.62 -8.35 22.36
N LYS C 56 -25.88 -9.19 21.37
CA LYS C 56 -27.18 -9.21 20.73
C LYS C 56 -28.27 -9.61 21.73
N LYS C 57 -27.98 -10.61 22.55
CA LYS C 57 -28.94 -11.02 23.57
C LYS C 57 -29.31 -9.88 24.54
N THR C 58 -28.32 -9.14 25.00
CA THR C 58 -28.57 -7.98 25.89
C THR C 58 -29.34 -6.87 25.15
N MET C 59 -28.99 -6.64 23.90
CA MET C 59 -29.70 -5.66 23.13
C MET C 59 -31.17 -6.09 22.93
N ASP C 60 -31.39 -7.35 22.64
CA ASP C 60 -32.72 -7.83 22.38
C ASP C 60 -33.57 -7.71 23.65
N ALA C 61 -32.95 -7.87 24.83
CA ALA C 61 -33.65 -7.78 26.13
C ALA C 61 -34.08 -6.36 26.49
N LYS C 62 -33.41 -5.36 25.91
CA LYS C 62 -33.64 -3.99 26.29
C LYS C 62 -34.37 -3.14 25.27
N ASN C 63 -34.39 -3.52 24.00
CA ASN C 63 -34.87 -2.59 23.00
C ASN C 63 -36.28 -2.89 22.46
N GLY C 64 -37.03 -3.73 23.16
CA GLY C 64 -38.42 -3.98 22.79
C GLY C 64 -38.59 -4.54 21.42
N GLN C 65 -39.44 -3.92 20.61
CA GLN C 65 -39.74 -4.46 19.27
C GLN C 65 -38.63 -4.24 18.25
N THR C 66 -37.62 -3.44 18.58
CA THR C 66 -36.57 -3.01 17.63
C THR C 66 -35.88 -4.27 17.04
N MET C 67 -35.66 -4.24 15.73
CA MET C 67 -34.89 -5.26 15.00
C MET C 67 -33.49 -4.72 15.08
N ASN C 68 -32.77 -5.24 16.07
CA ASN C 68 -31.47 -4.73 16.47
C ASN C 68 -30.32 -4.94 15.48
N GLU C 69 -30.47 -5.92 14.60
CA GLU C 69 -29.37 -6.32 13.72
C GLU C 69 -29.68 -5.97 12.26
N LYS C 70 -28.68 -5.46 11.55
CA LYS C 70 -28.72 -5.25 10.14
C LYS C 70 -27.49 -5.94 9.51
N GLN C 71 -27.59 -6.28 8.25
CA GLN C 71 -26.38 -6.74 7.53
C GLN C 71 -25.90 -5.62 6.61
N LEU C 72 -24.67 -5.21 6.83
CA LEU C 72 -24.13 -4.03 6.19
C LEU C 72 -22.77 -4.28 5.58
N PHE C 73 -22.29 -3.32 4.81
CA PHE C 73 -21.01 -3.48 4.09
C PHE C 73 -19.90 -2.64 4.70
N HIS C 74 -18.66 -3.18 4.63
CA HIS C 74 -17.51 -2.48 5.09
C HIS C 74 -16.34 -2.78 4.14
N GLY C 75 -15.88 -1.75 3.46
CA GLY C 75 -14.72 -1.83 2.58
C GLY C 75 -13.49 -1.55 3.35
N THR C 76 -12.43 -2.33 3.05
CA THR C 76 -11.16 -2.06 3.69
C THR C 76 -10.01 -2.54 2.82
N ASP C 77 -8.81 -2.18 3.20
CA ASP C 77 -7.63 -2.59 2.41
C ASP C 77 -7.30 -4.07 2.67
N ALA C 78 -6.60 -4.70 1.73
CA ALA C 78 -6.23 -6.15 1.85
C ALA C 78 -5.51 -6.42 3.16
N GLY C 79 -4.69 -5.46 3.53
CA GLY C 79 -3.86 -5.54 4.72
C GLY C 79 -4.59 -5.51 6.05
N SER C 80 -5.89 -5.24 6.03
CA SER C 80 -6.69 -5.26 7.24
C SER C 80 -7.39 -6.57 7.42
N VAL C 81 -7.45 -7.38 6.37
CA VAL C 81 -8.22 -8.61 6.47
C VAL C 81 -7.73 -9.51 7.65
N PRO C 82 -6.41 -9.69 7.82
CA PRO C 82 -5.97 -10.53 8.94
C PRO C 82 -6.43 -9.97 10.30
N HIS C 83 -6.31 -8.65 10.46
CA HIS C 83 -6.73 -7.99 11.70
C HIS C 83 -8.23 -8.21 12.00
N VAL C 84 -9.10 -7.96 11.01
CA VAL C 84 -10.54 -8.10 11.19
C VAL C 84 -10.99 -9.54 11.38
N ASN C 85 -10.34 -10.47 10.68
CA ASN C 85 -10.68 -11.88 10.87
C ASN C 85 -10.36 -12.34 12.32
N ARG C 86 -9.31 -11.79 12.90
CA ARG C 86 -8.89 -12.12 14.27
C ARG C 86 -9.65 -11.35 15.35
N ASN C 87 -9.87 -10.07 15.12
CA ASN C 87 -10.36 -9.16 16.15
C ASN C 87 -11.75 -8.54 15.85
N GLY C 88 -12.30 -8.72 14.67
CA GLY C 88 -13.37 -7.83 14.18
C GLY C 88 -12.96 -6.36 14.12
N PHE C 89 -13.94 -5.47 14.36
CA PHE C 89 -13.67 -4.05 14.26
C PHE C 89 -13.42 -3.44 15.65
N ASN C 90 -12.28 -3.79 16.22
CA ASN C 90 -11.97 -3.48 17.62
C ASN C 90 -11.29 -2.14 17.79
N ARG C 91 -10.88 -1.84 19.02
CA ARG C 91 -10.26 -0.54 19.29
C ARG C 91 -9.00 -0.25 18.48
N SER C 92 -8.22 -1.25 18.14
CA SER C 92 -6.95 -0.97 17.41
C SER C 92 -7.12 -1.08 15.90
N TYR C 93 -8.37 -1.18 15.45
CA TYR C 93 -8.63 -1.30 14.01
C TYR C 93 -8.26 -0.02 13.25
N ALA C 94 -7.33 -0.13 12.30
CA ALA C 94 -6.75 1.04 11.61
C ALA C 94 -7.72 1.72 10.62
N GLY C 95 -8.78 1.01 10.25
CA GLY C 95 -9.72 1.53 9.23
C GLY C 95 -10.90 2.31 9.82
N LYS C 96 -10.82 2.65 11.11
CA LYS C 96 -11.82 3.54 11.74
C LYS C 96 -11.69 4.94 11.10
N ASN C 97 -12.78 5.68 11.06
CA ASN C 97 -12.70 7.03 10.47
C ASN C 97 -13.34 8.06 11.44
N ALA C 98 -12.98 9.33 11.28
CA ALA C 98 -13.47 10.45 12.11
C ALA C 98 -13.96 11.58 11.20
N VAL C 99 -15.20 11.46 10.75
CA VAL C 99 -15.80 12.42 9.82
C VAL C 99 -17.10 13.01 10.42
N ALA C 100 -18.09 13.32 9.60
CA ALA C 100 -19.24 14.11 10.04
C ALA C 100 -20.09 13.45 11.15
N TYR C 101 -20.00 12.12 11.27
CA TYR C 101 -20.93 11.35 12.14
C TYR C 101 -20.26 10.77 13.40
N GLY C 102 -18.97 11.03 13.56
CA GLY C 102 -18.24 10.54 14.73
C GLY C 102 -17.03 9.71 14.33
N LYS C 103 -16.28 9.29 15.35
CA LYS C 103 -15.07 8.50 15.19
C LYS C 103 -15.43 7.07 15.56
N GLY C 104 -15.39 6.12 14.61
CA GLY C 104 -15.72 4.72 14.92
C GLY C 104 -15.60 3.86 13.68
N THR C 105 -16.31 2.75 13.60
CA THR C 105 -16.23 1.91 12.40
C THR C 105 -17.48 2.20 11.54
N TYR C 106 -17.24 2.66 10.31
CA TYR C 106 -18.29 2.94 9.32
C TYR C 106 -18.77 1.72 8.51
N PHE C 107 -20.10 1.55 8.44
CA PHE C 107 -20.75 0.51 7.67
C PHE C 107 -21.84 1.07 6.71
N ALA C 108 -21.95 0.48 5.51
CA ALA C 108 -22.82 0.97 4.41
C ALA C 108 -24.06 0.09 4.24
N VAL C 109 -25.21 0.72 4.05
CA VAL C 109 -26.41 0.00 3.70
C VAL C 109 -26.20 -0.67 2.34
N ASN C 110 -25.57 0.02 1.42
CA ASN C 110 -25.37 -0.47 0.05
C ASN C 110 -23.86 -0.70 -0.24
N ALA C 111 -23.54 -1.73 -0.99
CA ALA C 111 -22.15 -2.12 -1.21
C ALA C 111 -21.38 -1.10 -2.01
N ASN C 112 -22.05 -0.33 -2.87
CA ASN C 112 -21.33 0.55 -3.77
C ASN C 112 -20.64 1.65 -3.00
N TYR C 113 -21.24 2.01 -1.87
CA TYR C 113 -20.60 2.92 -0.94
C TYR C 113 -19.24 2.35 -0.51
N SER C 114 -19.24 1.12 -0.05
CA SER C 114 -18.01 0.47 0.41
C SER C 114 -17.02 0.15 -0.75
N ALA C 115 -17.55 0.05 -1.97
CA ALA C 115 -16.74 -0.34 -3.11
C ALA C 115 -15.89 0.82 -3.59
N ASN C 116 -16.13 2.02 -3.07
CA ASN C 116 -15.29 3.18 -3.36
C ASN C 116 -13.80 2.80 -3.10
N ASP C 117 -12.91 3.06 -4.08
CA ASP C 117 -11.50 2.75 -3.93
C ASP C 117 -10.95 3.33 -2.65
N THR C 118 -11.50 4.43 -2.18
CA THR C 118 -10.99 5.06 -0.95
C THR C 118 -11.05 4.10 0.21
N TYR C 119 -12.05 3.23 0.23
CA TYR C 119 -12.29 2.30 1.36
C TYR C 119 -11.75 0.91 1.03
N SER C 120 -12.31 0.29 0.00
CA SER C 120 -11.87 -1.01 -0.46
C SER C 120 -10.71 -0.82 -1.48
N ARG C 121 -9.58 -0.38 -0.95
CA ARG C 121 -8.47 0.04 -1.82
C ARG C 121 -7.97 -1.15 -2.66
N PRO C 122 -7.84 -0.97 -4.00
CA PRO C 122 -7.38 -2.14 -4.75
C PRO C 122 -5.95 -2.45 -4.38
N ASP C 123 -5.64 -3.72 -4.16
CA ASP C 123 -4.30 -4.06 -3.75
C ASP C 123 -3.34 -4.16 -4.96
N ALA C 124 -2.14 -4.70 -4.76
CA ALA C 124 -1.16 -4.76 -5.86
C ALA C 124 -1.62 -5.61 -7.05
N ASN C 125 -2.51 -6.58 -6.76
CA ASN C 125 -3.12 -7.44 -7.78
C ASN C 125 -4.45 -6.95 -8.35
N GLY C 126 -4.89 -5.76 -7.91
CA GLY C 126 -6.13 -5.16 -8.43
C GLY C 126 -7.35 -5.61 -7.60
N ARG C 127 -7.12 -6.40 -6.56
CA ARG C 127 -8.25 -6.99 -5.80
C ARG C 127 -8.75 -6.05 -4.72
N LYS C 128 -10.07 -6.04 -4.57
CA LYS C 128 -10.76 -5.20 -3.60
C LYS C 128 -11.47 -6.13 -2.59
N HIS C 129 -11.60 -5.65 -1.35
CA HIS C 129 -12.16 -6.40 -0.24
C HIS C 129 -13.30 -5.64 0.45
N VAL C 130 -14.47 -6.29 0.52
CA VAL C 130 -15.60 -5.75 1.25
C VAL C 130 -16.23 -6.83 2.06
N TYR C 131 -16.44 -6.56 3.36
CA TYR C 131 -17.04 -7.51 4.24
C TYR C 131 -18.52 -7.23 4.24
N TYR C 132 -19.30 -8.30 4.41
CA TYR C 132 -20.75 -8.19 4.62
C TYR C 132 -21.00 -8.66 6.03
N VAL C 133 -21.36 -7.67 6.86
CA VAL C 133 -21.14 -7.70 8.30
C VAL C 133 -22.49 -7.70 9.01
N ARG C 134 -22.62 -8.52 10.05
CA ARG C 134 -23.78 -8.39 10.97
C ARG C 134 -23.49 -7.31 11.99
N VAL C 135 -24.31 -6.28 12.04
CA VAL C 135 -24.07 -5.15 12.89
C VAL C 135 -25.35 -4.93 13.76
N LEU C 136 -25.14 -4.77 15.06
CA LEU C 136 -26.20 -4.43 16.03
C LEU C 136 -26.42 -2.91 16.06
N THR C 137 -27.17 -2.41 15.12
CA THR C 137 -27.49 -1.01 15.00
C THR C 137 -28.39 -0.55 16.13
N GLY C 138 -29.22 -1.46 16.64
CA GLY C 138 -30.10 -1.15 17.77
C GLY C 138 -30.92 0.10 17.54
N ILE C 139 -30.97 0.96 18.55
CA ILE C 139 -31.64 2.25 18.45
C ILE C 139 -30.60 3.30 18.14
N TYR C 140 -30.78 4.01 17.04
CA TYR C 140 -29.76 4.96 16.62
C TYR C 140 -30.27 6.37 16.50
N THR C 141 -29.34 7.32 16.50
CA THR C 141 -29.66 8.71 16.28
C THR C 141 -28.69 9.35 15.28
N HIS C 142 -28.93 10.60 14.94
CA HIS C 142 -28.05 11.33 14.00
C HIS C 142 -26.68 11.53 14.62
N GLY C 143 -25.62 11.24 13.88
CA GLY C 143 -24.25 11.42 14.40
C GLY C 143 -23.78 12.89 14.40
N ASN C 144 -22.69 13.13 15.10
CA ASN C 144 -21.92 14.38 14.95
C ASN C 144 -20.42 14.13 15.14
N HIS C 145 -19.63 15.12 14.71
CA HIS C 145 -18.17 14.96 14.55
C HIS C 145 -17.39 14.75 15.86
N SER C 146 -17.94 15.25 16.98
CA SER C 146 -17.26 15.16 18.27
C SER C 146 -17.34 13.76 18.92
N LEU C 147 -18.26 12.90 18.45
CA LEU C 147 -18.53 11.62 19.15
C LEU C 147 -17.39 10.59 19.08
N ILE C 148 -16.98 10.07 20.24
CA ILE C 148 -16.16 8.87 20.29
C ILE C 148 -16.94 7.68 20.89
N VAL C 149 -18.09 7.97 21.49
CA VAL C 149 -19.08 6.93 21.83
C VAL C 149 -20.42 7.63 21.54
N PRO C 150 -21.52 6.88 21.44
CA PRO C 150 -22.80 7.50 21.04
C PRO C 150 -23.32 8.50 22.10
N PRO C 151 -24.22 9.40 21.70
CA PRO C 151 -24.72 10.33 22.71
C PRO C 151 -25.68 9.63 23.66
N SER C 152 -25.99 10.31 24.75
CA SER C 152 -26.98 9.84 25.72
C SER C 152 -28.38 10.12 25.20
N LYS C 153 -29.30 9.20 25.43
CA LYS C 153 -30.68 9.40 25.06
C LYS C 153 -31.30 10.56 25.86
N ASN C 154 -30.76 10.81 27.06
CA ASN C 154 -31.33 11.69 28.11
C ASN C 154 -30.22 12.44 28.82
N PRO C 155 -30.08 13.77 28.62
CA PRO C 155 -28.94 14.38 29.34
C PRO C 155 -28.96 14.20 30.89
N GLN C 156 -30.12 13.81 31.44
CA GLN C 156 -30.29 13.52 32.89
C GLN C 156 -29.58 12.23 33.34
N ASN C 157 -29.55 11.26 32.42
CA ASN C 157 -28.90 9.99 32.59
C ASN C 157 -27.83 9.89 31.50
N PRO C 158 -26.71 10.63 31.64
CA PRO C 158 -25.66 10.62 30.60
C PRO C 158 -24.87 9.29 30.51
N THR C 159 -25.30 8.34 31.34
CA THR C 159 -24.85 6.93 31.39
C THR C 159 -25.42 6.07 30.25
N ASP C 160 -26.70 6.33 29.94
CA ASP C 160 -27.53 5.49 29.07
C ASP C 160 -27.58 5.97 27.58
N LEU C 161 -26.95 5.20 26.69
CA LEU C 161 -26.59 5.71 25.35
C LEU C 161 -27.36 5.06 24.23
N TYR C 162 -27.38 5.69 23.06
CA TYR C 162 -27.90 5.08 21.85
C TYR C 162 -26.95 3.91 21.49
N ASP C 163 -27.33 3.10 20.51
CA ASP C 163 -26.49 1.96 20.18
C ASP C 163 -25.47 2.28 19.11
N THR C 164 -25.91 2.99 18.06
CA THR C 164 -25.13 3.46 16.93
C THR C 164 -25.59 4.88 16.51
N VAL C 165 -24.88 5.49 15.56
CA VAL C 165 -25.36 6.72 14.99
C VAL C 165 -25.42 6.46 13.51
N THR C 166 -26.10 7.35 12.84
CA THR C 166 -26.32 7.25 11.40
C THR C 166 -26.22 8.61 10.78
N ASP C 167 -26.23 8.67 9.47
CA ASP C 167 -26.25 9.93 8.72
C ASP C 167 -27.65 10.52 8.55
N ASN C 168 -28.68 9.70 8.69
CA ASN C 168 -30.05 10.09 8.42
C ASN C 168 -30.96 9.10 9.11
N VAL C 169 -31.63 9.56 10.15
CA VAL C 169 -32.38 8.65 11.03
C VAL C 169 -33.47 7.88 10.30
N HIS C 170 -34.26 8.53 9.46
CA HIS C 170 -35.33 7.78 8.81
C HIS C 170 -34.98 7.25 7.44
N HIS C 171 -33.89 7.74 6.84
CA HIS C 171 -33.42 7.14 5.59
C HIS C 171 -31.88 6.93 5.60
N PRO C 172 -31.40 5.94 6.36
CA PRO C 172 -29.96 5.79 6.58
C PRO C 172 -29.21 5.27 5.37
N SER C 173 -27.98 5.73 5.16
CA SER C 173 -27.10 5.17 4.14
C SER C 173 -25.85 4.56 4.80
N LEU C 174 -25.62 4.87 6.07
CA LEU C 174 -24.48 4.38 6.83
C LEU C 174 -24.78 4.38 8.30
N PHE C 175 -24.05 3.54 9.03
CA PHE C 175 -24.03 3.51 10.48
C PHE C 175 -22.60 3.48 11.01
N VAL C 176 -22.42 4.04 12.19
CA VAL C 176 -21.12 4.10 12.84
C VAL C 176 -21.32 3.30 14.12
N ALA C 177 -20.47 2.28 14.32
CA ALA C 177 -20.44 1.56 15.59
C ALA C 177 -19.22 1.93 16.37
N PHE C 178 -19.34 1.92 17.71
CA PHE C 178 -18.28 2.42 18.58
C PHE C 178 -17.63 1.41 19.51
N TYR C 179 -18.22 0.22 19.62
CA TYR C 179 -17.73 -0.78 20.59
C TYR C 179 -17.28 -2.08 19.95
N ASP C 180 -16.37 -2.75 20.64
CA ASP C 180 -15.69 -3.96 20.14
C ASP C 180 -16.54 -5.09 19.58
N TYR C 181 -17.70 -5.37 20.18
CA TYR C 181 -18.44 -6.57 19.82
C TYR C 181 -19.80 -6.25 19.22
N GLN C 182 -19.85 -5.12 18.55
CA GLN C 182 -21.09 -4.67 17.94
C GLN C 182 -21.24 -5.19 16.54
N ALA C 183 -20.21 -5.86 16.00
CA ALA C 183 -20.24 -6.25 14.60
C ALA C 183 -19.48 -7.56 14.42
N TYR C 184 -20.00 -8.42 13.56
CA TYR C 184 -19.36 -9.68 13.28
C TYR C 184 -19.07 -9.72 11.79
N PRO C 185 -17.76 -9.90 11.41
CA PRO C 185 -17.37 -9.86 10.00
C PRO C 185 -17.64 -11.20 9.31
N GLU C 186 -18.91 -11.47 9.03
CA GLU C 186 -19.38 -12.80 8.69
C GLU C 186 -18.87 -13.29 7.32
N TYR C 187 -18.94 -12.41 6.31
CA TYR C 187 -18.52 -12.75 4.96
C TYR C 187 -17.49 -11.78 4.42
N LEU C 188 -16.53 -12.31 3.69
CA LEU C 188 -15.59 -11.45 2.93
C LEU C 188 -15.78 -11.69 1.45
N ILE C 189 -16.07 -10.60 0.74
CA ILE C 189 -16.17 -10.57 -0.71
C ILE C 189 -14.89 -9.99 -1.32
N THR C 190 -14.18 -10.83 -2.08
CA THR C 190 -13.02 -10.36 -2.80
C THR C 190 -13.47 -10.12 -4.26
N PHE C 191 -13.19 -8.96 -4.84
CA PHE C 191 -13.63 -8.70 -6.21
C PHE C 191 -12.69 -7.76 -6.96
N ARG C 192 -13.01 -7.48 -8.22
CA ARG C 192 -12.27 -6.44 -8.98
C ARG C 192 -13.11 -5.73 -10.04
N LYS C 193 -12.54 -4.68 -10.63
CA LYS C 193 -13.17 -3.85 -11.64
C LYS C 193 -13.32 -4.56 -12.99
N GLN D 7 2.33 20.98 -18.13
CA GLN D 7 2.07 21.08 -16.66
C GLN D 7 3.22 20.54 -15.83
N ASN D 8 4.44 20.76 -16.29
CA ASN D 8 5.60 20.56 -15.45
C ASN D 8 5.51 21.41 -14.18
N PHE D 9 6.23 21.00 -13.16
CA PHE D 9 6.11 21.62 -11.87
C PHE D 9 7.39 21.61 -11.11
N CYS D 10 7.52 22.56 -10.20
CA CYS D 10 8.57 22.60 -9.21
C CYS D 10 7.98 22.57 -7.82
N VAL D 11 8.75 22.06 -6.88
CA VAL D 11 8.39 22.10 -5.49
C VAL D 11 9.39 22.92 -4.74
N VAL D 12 8.91 23.88 -3.95
CA VAL D 12 9.79 24.76 -3.18
C VAL D 12 9.39 24.75 -1.74
N GLU D 13 10.37 24.62 -0.86
CA GLU D 13 10.03 24.64 0.54
C GLU D 13 9.60 26.03 0.97
N LEU D 14 8.65 26.06 1.90
CA LEU D 14 8.45 27.25 2.72
C LEU D 14 9.39 27.22 3.89
N LEU D 15 9.89 28.37 4.25
CA LEU D 15 10.62 28.44 5.50
C LEU D 15 9.62 28.94 6.54
N PRO D 16 9.79 28.51 7.80
CA PRO D 16 8.94 29.08 8.84
C PRO D 16 8.98 30.63 8.93
N SER D 17 10.02 31.25 8.38
CA SER D 17 10.13 32.72 8.40
C SER D 17 9.25 33.37 7.35
N ASP D 18 8.83 32.58 6.37
CA ASP D 18 8.01 33.08 5.29
C ASP D 18 6.65 33.47 5.91
N PRO D 19 6.18 34.70 5.64
CA PRO D 19 4.87 35.09 6.17
C PRO D 19 3.79 34.08 5.86
N GLU D 20 3.73 33.67 4.59
CA GLU D 20 2.78 32.66 4.15
C GLU D 20 2.85 31.37 4.97
N TYR D 21 4.04 30.97 5.44
CA TYR D 21 4.15 29.74 6.25
C TYR D 21 3.23 29.74 7.48
N ASN D 22 3.19 30.84 8.21
CA ASN D 22 2.41 30.87 9.44
C ASN D 22 0.90 30.98 9.21
N THR D 23 0.55 31.61 8.10
CA THR D 23 -0.80 31.59 7.55
C THR D 23 -1.28 30.15 7.35
N VAL D 24 -0.53 29.40 6.57
CA VAL D 24 -0.92 28.02 6.30
C VAL D 24 -0.93 27.19 7.56
N ALA D 25 0.15 27.27 8.35
CA ALA D 25 0.25 26.49 9.57
C ALA D 25 -0.88 26.80 10.53
N SER D 26 -1.20 28.08 10.69
CA SER D 26 -2.25 28.46 11.62
C SER D 26 -3.62 27.88 11.19
N LYS D 27 -3.95 27.89 9.88
CA LYS D 27 -5.21 27.28 9.44
C LYS D 27 -5.25 25.77 9.74
N PHE D 28 -4.18 25.07 9.36
CA PHE D 28 -4.08 23.65 9.68
C PHE D 28 -4.28 23.45 11.15
N ASN D 29 -3.60 24.26 11.95
CA ASN D 29 -3.59 24.06 13.42
C ASN D 29 -4.90 24.41 14.10
N GLN D 30 -5.84 25.04 13.39
CA GLN D 30 -7.16 25.28 13.96
C GLN D 30 -7.78 23.95 14.42
N THR D 31 -7.53 22.86 13.71
CA THR D 31 -8.12 21.57 14.08
C THR D 31 -7.14 20.42 14.17
N CYS D 32 -5.87 20.65 13.80
CA CYS D 32 -4.89 19.60 13.77
C CYS D 32 -3.68 19.98 14.65
N SER D 33 -3.88 20.84 15.64
CA SER D 33 -2.78 21.22 16.51
C SER D 33 -2.18 20.02 17.27
N HIS D 34 -2.89 18.89 17.34
CA HIS D 34 -2.32 17.67 17.94
C HIS D 34 -1.24 16.94 17.11
N PHE D 35 -1.08 17.32 15.84
CA PHE D 35 -0.07 16.74 14.93
C PHE D 35 1.13 17.65 14.89
N ARG D 36 2.25 17.16 14.40
CA ARG D 36 3.39 18.03 14.21
C ARG D 36 3.71 18.21 12.74
N ILE D 37 3.88 19.46 12.36
CA ILE D 37 4.13 19.82 10.98
C ILE D 37 5.63 19.61 10.80
N GLU D 38 6.00 18.87 9.77
CA GLU D 38 7.41 18.64 9.42
C GLU D 38 7.87 19.59 8.37
N LYS D 39 7.00 19.89 7.42
CA LYS D 39 7.39 20.64 6.25
C LYS D 39 6.12 21.22 5.57
N ILE D 40 6.20 22.41 4.99
CA ILE D 40 5.17 22.92 4.08
C ILE D 40 5.88 23.32 2.82
N GLU D 41 5.32 22.93 1.67
CA GLU D 41 5.91 23.16 0.36
C GLU D 41 4.90 23.84 -0.51
N ARG D 42 5.37 24.76 -1.35
CA ARG D 42 4.58 25.36 -2.41
C ARG D 42 4.79 24.57 -3.70
N ILE D 43 3.71 24.31 -4.42
CA ILE D 43 3.70 23.64 -5.71
C ILE D 43 3.57 24.76 -6.76
N GLN D 44 4.62 24.88 -7.58
CA GLN D 44 4.70 25.85 -8.66
C GLN D 44 4.50 25.18 -10.02
N ASN D 45 3.33 25.42 -10.57
CA ASN D 45 2.95 24.81 -11.80
C ASN D 45 2.21 25.86 -12.65
N PRO D 46 2.98 26.63 -13.46
CA PRO D 46 2.46 27.75 -14.22
C PRO D 46 1.29 27.34 -15.09
N ASP D 47 1.34 26.18 -15.76
CA ASP D 47 0.25 25.82 -16.68
C ASP D 47 -1.03 25.52 -15.92
N LEU D 48 -0.90 24.71 -14.86
CA LEU D 48 -2.08 24.36 -14.04
C LEU D 48 -2.70 25.64 -13.40
N TRP D 49 -1.83 26.54 -12.92
CA TRP D 49 -2.22 27.82 -12.36
C TRP D 49 -2.97 28.68 -13.38
N ASN D 50 -2.41 28.81 -14.57
CA ASN D 50 -3.04 29.60 -15.60
C ASN D 50 -4.43 29.08 -16.00
N SER D 51 -4.57 27.76 -16.08
CA SER D 51 -5.87 27.13 -16.36
C SER D 51 -6.87 27.32 -15.21
N TYR D 52 -6.41 27.13 -13.96
CA TYR D 52 -7.26 27.48 -12.84
C TYR D 52 -7.75 28.94 -12.88
N GLN D 53 -6.82 29.86 -13.14
CA GLN D 53 -7.13 31.27 -13.11
C GLN D 53 -8.12 31.64 -14.24
N ALA D 54 -8.02 31.01 -15.41
CA ALA D 54 -9.00 31.20 -16.47
C ALA D 54 -10.43 30.73 -16.03
N LYS D 55 -10.52 29.60 -15.34
CA LYS D 55 -11.80 29.14 -14.81
C LYS D 55 -12.35 30.11 -13.71
N LYS D 56 -11.47 30.67 -12.89
CA LYS D 56 -11.89 31.64 -11.90
C LYS D 56 -12.42 32.92 -12.56
N LYS D 57 -11.72 33.40 -13.58
CA LYS D 57 -12.20 34.56 -14.31
C LYS D 57 -13.61 34.34 -14.93
N THR D 58 -13.89 33.16 -15.48
CA THR D 58 -15.25 32.90 -16.02
C THR D 58 -16.29 32.88 -14.88
N MET D 59 -15.93 32.26 -13.77
CA MET D 59 -16.84 32.16 -12.64
C MET D 59 -17.08 33.52 -11.99
N ASP D 60 -16.05 34.36 -11.89
CA ASP D 60 -16.15 35.65 -11.29
C ASP D 60 -17.05 36.54 -12.18
N ALA D 61 -17.02 36.31 -13.49
CA ALA D 61 -17.83 37.08 -14.41
C ALA D 61 -19.30 36.79 -14.29
N LYS D 62 -19.69 35.65 -13.72
CA LYS D 62 -21.08 35.29 -13.70
C LYS D 62 -21.73 35.20 -12.35
N ASN D 63 -20.99 35.19 -11.23
CA ASN D 63 -21.62 34.93 -9.94
C ASN D 63 -21.82 36.13 -9.02
N GLY D 64 -21.68 37.35 -9.57
CA GLY D 64 -22.03 38.57 -8.86
C GLY D 64 -21.12 38.73 -7.67
N GLN D 65 -21.72 38.95 -6.50
CA GLN D 65 -20.95 39.18 -5.27
C GLN D 65 -20.29 37.91 -4.70
N THR D 66 -20.58 36.75 -5.25
CA THR D 66 -20.12 35.49 -4.66
C THR D 66 -18.58 35.50 -4.58
N MET D 67 -18.02 35.23 -3.41
CA MET D 67 -16.60 34.93 -3.28
C MET D 67 -16.41 33.46 -3.71
N ASN D 68 -15.97 33.30 -4.96
CA ASN D 68 -16.01 32.01 -5.61
C ASN D 68 -14.98 31.01 -5.12
N GLU D 69 -13.91 31.53 -4.51
CA GLU D 69 -12.77 30.74 -4.11
C GLU D 69 -12.73 30.53 -2.64
N LYS D 70 -12.56 29.28 -2.23
CA LYS D 70 -12.20 28.95 -0.83
C LYS D 70 -10.87 28.22 -0.76
N GLN D 71 -10.21 28.25 0.38
CA GLN D 71 -9.01 27.45 0.60
C GLN D 71 -9.40 26.32 1.52
N LEU D 72 -9.25 25.11 1.00
CA LEU D 72 -9.76 23.88 1.55
C LEU D 72 -8.66 22.83 1.65
N PHE D 73 -8.96 21.77 2.38
CA PHE D 73 -7.96 20.71 2.62
C PHE D 73 -8.30 19.42 1.86
N HIS D 74 -7.24 18.71 1.45
CA HIS D 74 -7.41 17.44 0.82
C HIS D 74 -6.23 16.53 1.22
N GLY D 75 -6.56 15.48 1.92
CA GLY D 75 -5.60 14.48 2.33
C GLY D 75 -5.45 13.47 1.22
N THR D 76 -4.21 13.10 0.96
CA THR D 76 -3.96 11.98 0.05
C THR D 76 -2.74 11.16 0.45
N ASP D 77 -2.53 10.04 -0.23
CA ASP D 77 -1.39 9.18 0.07
C ASP D 77 -0.17 9.72 -0.67
N ALA D 78 1.00 9.45 -0.13
CA ALA D 78 2.25 9.94 -0.70
C ALA D 78 2.35 9.64 -2.21
N GLY D 79 1.95 8.47 -2.60
CA GLY D 79 2.01 8.03 -3.98
C GLY D 79 1.25 8.93 -4.96
N SER D 80 0.21 9.62 -4.46
CA SER D 80 -0.60 10.49 -5.32
C SER D 80 -0.01 11.88 -5.48
N VAL D 81 0.91 12.22 -4.60
CA VAL D 81 1.46 13.54 -4.57
C VAL D 81 2.06 13.96 -5.91
N PRO D 82 2.88 13.12 -6.53
CA PRO D 82 3.44 13.59 -7.83
C PRO D 82 2.40 13.80 -8.94
N HIS D 83 1.35 13.00 -8.93
CA HIS D 83 0.24 13.10 -9.87
C HIS D 83 -0.57 14.39 -9.61
N VAL D 84 -0.87 14.68 -8.32
CA VAL D 84 -1.55 15.90 -7.99
C VAL D 84 -0.73 17.15 -8.34
N ASN D 85 0.57 17.11 -8.07
CA ASN D 85 1.41 18.27 -8.39
C ASN D 85 1.35 18.66 -9.84
N ARG D 86 1.24 17.68 -10.71
CA ARG D 86 1.21 17.92 -12.14
C ARG D 86 -0.17 18.20 -12.70
N ASN D 87 -1.14 17.39 -12.29
CA ASN D 87 -2.50 17.37 -12.85
C ASN D 87 -3.56 18.02 -11.96
N GLY D 88 -3.24 18.34 -10.72
CA GLY D 88 -4.25 18.83 -9.79
C GLY D 88 -5.16 17.65 -9.51
N PHE D 89 -6.44 17.93 -9.36
CA PHE D 89 -7.40 16.93 -8.99
C PHE D 89 -8.22 16.60 -10.22
N ASN D 90 -7.59 16.63 -11.38
CA ASN D 90 -8.33 16.46 -12.61
C ASN D 90 -9.05 15.07 -12.65
N ARG D 91 -9.32 14.50 -13.80
CA ARG D 91 -10.32 13.41 -13.87
C ARG D 91 -9.83 12.00 -13.55
N SER D 92 -8.57 11.69 -13.84
CA SER D 92 -8.06 10.33 -13.58
C SER D 92 -7.42 10.22 -12.19
N TYR D 93 -8.06 10.76 -11.16
CA TYR D 93 -7.44 10.72 -9.82
C TYR D 93 -8.07 9.65 -8.91
N ALA D 94 -7.18 8.91 -8.23
CA ALA D 94 -7.49 7.74 -7.41
C ALA D 94 -8.60 7.93 -6.36
N GLY D 95 -8.63 9.10 -5.72
CA GLY D 95 -9.75 9.52 -4.84
C GLY D 95 -10.91 10.13 -5.64
N ALA D 98 -17.42 8.04 -4.55
CA ALA D 98 -18.84 7.83 -4.84
C ALA D 98 -19.58 7.51 -3.55
N VAL D 99 -19.82 8.58 -2.80
CA VAL D 99 -20.50 8.52 -1.51
C VAL D 99 -21.68 9.49 -1.55
N ALA D 100 -22.08 10.00 -0.39
CA ALA D 100 -23.39 10.60 -0.25
C ALA D 100 -23.63 11.84 -1.12
N TYR D 101 -22.57 12.51 -1.56
CA TYR D 101 -22.68 13.87 -2.18
C TYR D 101 -22.23 14.01 -3.65
N GLY D 102 -21.84 12.91 -4.30
CA GLY D 102 -21.48 12.94 -5.72
C GLY D 102 -20.13 12.31 -6.02
N LYS D 103 -19.92 12.00 -7.30
CA LYS D 103 -18.67 11.43 -7.75
C LYS D 103 -17.74 12.52 -8.27
N GLY D 104 -16.90 13.05 -7.39
CA GLY D 104 -15.95 14.07 -7.73
C GLY D 104 -14.89 14.02 -6.67
N THR D 105 -14.09 15.07 -6.57
CA THR D 105 -13.01 15.17 -5.59
C THR D 105 -13.55 15.94 -4.39
N TYR D 106 -13.19 15.44 -3.21
CA TYR D 106 -13.72 15.95 -1.95
C TYR D 106 -12.69 16.83 -1.30
N PHE D 107 -13.15 17.94 -0.71
CA PHE D 107 -12.29 18.89 -0.05
C PHE D 107 -12.97 19.22 1.30
N ALA D 108 -12.16 19.37 2.32
CA ALA D 108 -12.67 19.64 3.68
C ALA D 108 -12.49 21.09 4.07
N VAL D 109 -13.47 21.65 4.78
CA VAL D 109 -13.31 22.96 5.36
C VAL D 109 -12.21 22.96 6.45
N ASN D 110 -12.16 21.91 7.26
CA ASN D 110 -11.19 21.83 8.38
C ASN D 110 -10.19 20.71 8.10
N ALA D 111 -8.93 20.93 8.44
CA ALA D 111 -7.89 19.93 8.17
C ALA D 111 -8.14 18.59 8.87
N ASN D 112 -8.82 18.58 10.03
CA ASN D 112 -8.98 17.30 10.77
C ASN D 112 -9.71 16.21 10.01
N TYR D 113 -10.61 16.60 9.12
CA TYR D 113 -11.28 15.67 8.25
C TYR D 113 -10.28 14.98 7.28
N SER D 114 -9.45 15.77 6.62
CA SER D 114 -8.42 15.30 5.70
C SER D 114 -7.27 14.55 6.36
N ALA D 115 -7.02 14.89 7.62
CA ALA D 115 -6.02 14.21 8.43
C ALA D 115 -6.39 12.79 8.88
N ASN D 116 -7.62 12.37 8.73
CA ASN D 116 -7.90 10.94 8.91
C ASN D 116 -6.94 10.07 8.11
N ASP D 117 -6.39 9.01 8.74
CA ASP D 117 -5.53 8.05 8.01
C ASP D 117 -6.25 7.49 6.77
N THR D 118 -7.58 7.39 6.82
CA THR D 118 -8.32 6.93 5.62
C THR D 118 -7.96 7.76 4.40
N TYR D 119 -7.76 9.06 4.57
CA TYR D 119 -7.48 9.94 3.44
C TYR D 119 -6.01 10.28 3.30
N SER D 120 -5.35 10.67 4.36
CA SER D 120 -3.93 10.98 4.35
C SER D 120 -3.14 9.78 4.96
N ARG D 121 -3.16 8.65 4.29
CA ARG D 121 -2.40 7.48 4.76
C ARG D 121 -0.94 7.79 5.10
N PRO D 122 -0.46 7.35 6.29
CA PRO D 122 0.93 7.56 6.62
C PRO D 122 1.87 6.76 5.70
N ASP D 123 2.95 7.39 5.24
CA ASP D 123 3.88 6.74 4.27
C ASP D 123 4.87 5.94 5.08
N ALA D 124 5.87 5.34 4.39
CA ALA D 124 6.77 4.38 5.02
C ALA D 124 7.58 5.02 6.15
N ASN D 125 7.77 6.34 6.08
CA ASN D 125 8.49 7.05 7.16
C ASN D 125 7.56 7.65 8.24
N GLY D 126 6.29 7.25 8.19
CA GLY D 126 5.30 7.79 9.12
C GLY D 126 4.69 9.15 8.74
N ARG D 127 5.01 9.69 7.55
CA ARG D 127 4.59 11.04 7.21
C ARG D 127 3.22 11.02 6.49
N LYS D 128 2.34 11.97 6.86
CA LYS D 128 1.01 12.19 6.25
C LYS D 128 1.01 13.43 5.40
N HIS D 129 0.14 13.47 4.40
CA HIS D 129 0.14 14.54 3.47
C HIS D 129 -1.25 15.15 3.27
N VAL D 130 -1.32 16.46 3.41
CA VAL D 130 -2.54 17.23 3.20
C VAL D 130 -2.20 18.48 2.45
N TYR D 131 -2.90 18.66 1.32
CA TYR D 131 -2.83 19.87 0.59
C TYR D 131 -3.78 20.89 1.17
N TYR D 132 -3.36 22.14 1.06
CA TYR D 132 -4.22 23.31 1.28
C TYR D 132 -4.44 23.94 -0.09
N VAL D 133 -5.66 23.74 -0.57
CA VAL D 133 -6.02 23.86 -1.97
C VAL D 133 -6.90 25.09 -2.23
N ARG D 134 -6.65 25.84 -3.29
CA ARG D 134 -7.58 26.86 -3.77
C ARG D 134 -8.64 26.14 -4.57
N VAL D 135 -9.90 26.30 -4.18
CA VAL D 135 -11.02 25.57 -4.83
C VAL D 135 -12.13 26.58 -5.24
N LEU D 136 -12.54 26.52 -6.49
CA LEU D 136 -13.61 27.39 -7.01
C LEU D 136 -14.97 26.80 -6.63
N THR D 137 -15.37 27.02 -5.38
CA THR D 137 -16.65 26.41 -4.86
C THR D 137 -17.87 27.15 -5.48
N GLY D 138 -17.67 28.40 -5.84
CA GLY D 138 -18.75 29.20 -6.48
C GLY D 138 -20.10 29.20 -5.74
N ILE D 139 -21.18 28.98 -6.47
CA ILE D 139 -22.52 28.81 -5.91
C ILE D 139 -22.80 27.32 -5.78
N TYR D 140 -23.13 26.89 -4.58
CA TYR D 140 -23.27 25.50 -4.33
C TYR D 140 -24.59 25.12 -3.70
N THR D 141 -24.92 23.84 -3.81
CA THR D 141 -26.13 23.25 -3.21
C THR D 141 -25.80 21.90 -2.60
N HIS D 142 -26.79 21.33 -1.95
CA HIS D 142 -26.70 20.03 -1.31
C HIS D 142 -26.44 18.94 -2.35
N GLY D 143 -25.46 18.08 -2.10
CA GLY D 143 -25.14 17.06 -3.06
C GLY D 143 -26.03 15.83 -2.89
N ASN D 144 -25.84 14.85 -3.78
CA ASN D 144 -26.49 13.54 -3.64
C ASN D 144 -25.64 12.50 -4.36
N HIS D 145 -25.95 11.25 -4.04
CA HIS D 145 -25.06 10.16 -4.41
C HIS D 145 -24.93 10.00 -5.94
N SER D 146 -25.97 10.34 -6.70
CA SER D 146 -25.97 10.09 -8.14
C SER D 146 -25.15 11.10 -8.98
N LEU D 147 -24.63 12.16 -8.37
CA LEU D 147 -24.09 13.25 -9.17
C LEU D 147 -22.74 12.88 -9.81
N ILE D 148 -22.65 13.07 -11.12
CA ILE D 148 -21.36 13.12 -11.81
C ILE D 148 -20.97 14.50 -12.21
N VAL D 149 -21.96 15.41 -12.18
CA VAL D 149 -21.74 16.83 -12.30
C VAL D 149 -22.80 17.55 -11.41
N PRO D 150 -22.65 18.85 -11.18
CA PRO D 150 -23.59 19.47 -10.20
C PRO D 150 -24.97 19.59 -10.83
N PRO D 151 -26.02 19.70 -10.00
CA PRO D 151 -27.37 19.87 -10.58
C PRO D 151 -27.57 21.22 -11.25
N SER D 152 -28.60 21.32 -12.12
CA SER D 152 -29.02 22.60 -12.68
C SER D 152 -29.64 23.46 -11.59
N LYS D 153 -29.39 24.75 -11.67
CA LYS D 153 -29.90 25.72 -10.67
C LYS D 153 -31.39 25.99 -10.88
N ASN D 154 -31.79 26.13 -12.14
CA ASN D 154 -33.12 26.56 -12.52
C ASN D 154 -33.65 25.62 -13.64
N PRO D 155 -34.57 24.69 -13.28
CA PRO D 155 -35.30 23.83 -14.20
C PRO D 155 -35.90 24.58 -15.37
N GLN D 156 -36.22 25.86 -15.19
CA GLN D 156 -36.80 26.68 -16.26
C GLN D 156 -35.76 27.47 -17.08
N ASN D 157 -34.47 27.22 -16.82
CA ASN D 157 -33.36 27.70 -17.65
C ASN D 157 -32.11 26.91 -17.23
N PRO D 158 -32.03 25.62 -17.59
CA PRO D 158 -31.18 24.69 -16.85
C PRO D 158 -29.69 24.66 -17.19
N THR D 159 -29.25 25.56 -18.08
CA THR D 159 -27.85 25.54 -18.56
C THR D 159 -26.84 25.78 -17.44
N ASP D 160 -27.10 26.79 -16.60
CA ASP D 160 -26.21 27.15 -15.50
C ASP D 160 -26.42 26.08 -14.43
N LEU D 161 -25.33 25.39 -14.10
CA LEU D 161 -25.35 24.43 -13.07
C LEU D 161 -24.77 25.14 -11.86
N TYR D 162 -24.99 24.56 -10.70
CA TYR D 162 -24.20 24.92 -9.57
C TYR D 162 -22.72 24.68 -9.90
N ASP D 163 -21.83 25.33 -9.14
CA ASP D 163 -20.39 25.23 -9.36
C ASP D 163 -19.78 24.04 -8.63
N THR D 164 -20.27 23.77 -7.40
CA THR D 164 -19.95 22.63 -6.65
C THR D 164 -21.18 22.19 -5.84
N VAL D 165 -21.02 21.10 -5.08
CA VAL D 165 -22.00 20.66 -4.09
C VAL D 165 -21.30 20.49 -2.71
N THR D 166 -22.11 20.36 -1.66
CA THR D 166 -21.68 20.38 -0.30
C THR D 166 -22.58 19.45 0.50
N ASP D 167 -22.15 19.15 1.73
CA ASP D 167 -22.95 18.31 2.61
C ASP D 167 -24.02 19.09 3.33
N ASN D 168 -23.84 20.40 3.43
CA ASN D 168 -24.75 21.26 4.23
C ASN D 168 -24.62 22.67 3.78
N VAL D 169 -25.65 23.16 3.13
CA VAL D 169 -25.52 24.42 2.41
C VAL D 169 -25.14 25.63 3.28
N HIS D 170 -25.78 25.80 4.43
CA HIS D 170 -25.46 26.94 5.27
C HIS D 170 -24.34 26.71 6.33
N HIS D 171 -23.99 25.47 6.62
CA HIS D 171 -22.82 25.20 7.52
C HIS D 171 -21.95 24.07 6.93
N PRO D 172 -21.22 24.37 5.85
CA PRO D 172 -20.53 23.31 5.09
C PRO D 172 -19.40 22.71 5.88
N SER D 173 -19.17 21.41 5.71
CA SER D 173 -17.95 20.80 6.19
C SER D 173 -17.09 20.27 5.05
N LEU D 174 -17.68 20.16 3.86
CA LEU D 174 -16.99 19.56 2.72
C LEU D 174 -17.62 20.04 1.46
N PHE D 175 -16.80 20.07 0.42
CA PHE D 175 -17.24 20.39 -0.93
C PHE D 175 -16.81 19.32 -1.90
N VAL D 176 -17.57 19.15 -2.99
CA VAL D 176 -17.20 18.20 -4.03
C VAL D 176 -17.08 18.98 -5.32
N ALA D 177 -15.93 18.85 -5.98
CA ALA D 177 -15.70 19.49 -7.28
C ALA D 177 -15.61 18.42 -8.36
N PHE D 178 -16.23 18.69 -9.50
CA PHE D 178 -16.32 17.68 -10.56
C PHE D 178 -15.45 17.95 -11.79
N TYR D 179 -14.89 19.13 -11.91
CA TYR D 179 -14.27 19.53 -13.19
C TYR D 179 -12.81 19.76 -13.08
N ASP D 180 -12.19 19.78 -14.25
CA ASP D 180 -10.76 19.94 -14.29
C ASP D 180 -10.43 21.42 -14.06
N TYR D 181 -9.36 21.67 -13.34
CA TYR D 181 -8.84 23.02 -13.20
C TYR D 181 -9.71 23.91 -12.32
N GLN D 182 -10.62 23.26 -11.61
CA GLN D 182 -11.45 23.89 -10.58
C GLN D 182 -10.75 24.02 -9.23
N ALA D 183 -9.58 23.42 -9.13
CA ALA D 183 -8.80 23.40 -7.87
C ALA D 183 -7.30 23.53 -8.17
N TYR D 184 -6.53 24.21 -7.31
CA TYR D 184 -5.12 24.32 -7.47
C TYR D 184 -4.43 23.94 -6.14
N PRO D 185 -3.58 22.88 -6.19
CA PRO D 185 -2.92 22.34 -5.00
C PRO D 185 -1.78 23.24 -4.56
N GLU D 186 -2.06 24.36 -3.92
CA GLU D 186 -1.08 25.42 -3.72
C GLU D 186 0.03 25.04 -2.75
N TYR D 187 -0.36 24.46 -1.61
CA TYR D 187 0.59 24.06 -0.59
C TYR D 187 0.37 22.63 -0.25
N LEU D 188 1.46 21.97 0.04
CA LEU D 188 1.47 20.58 0.53
C LEU D 188 2.05 20.64 1.96
N ILE D 189 1.30 20.12 2.91
CA ILE D 189 1.72 20.06 4.30
C ILE D 189 2.09 18.61 4.61
N THR D 190 3.32 18.40 5.10
CA THR D 190 3.79 17.09 5.51
C THR D 190 3.91 17.08 7.04
N PHE D 191 3.30 16.11 7.68
CA PHE D 191 3.17 16.15 9.12
C PHE D 191 3.06 14.76 9.68
N ARG D 192 3.18 14.65 11.00
CA ARG D 192 3.01 13.36 11.63
C ARG D 192 2.32 13.39 12.97
N LYS D 193 1.90 12.19 13.39
CA LYS D 193 1.16 11.94 14.63
C LYS D 193 1.98 12.31 15.88
OAB 0RY E . 18.60 -9.09 -6.15
CAM 0RY E . 18.84 -9.60 -5.03
OAE 0RY E . 19.44 -10.71 -4.92
CAF 0RY E . 18.29 -9.08 -3.83
CAG 0RY E . 17.58 -7.90 -3.55
CAO 0RY E . 17.20 -6.81 -4.37
OAD 0RY E . 16.71 -5.85 -3.78
NAL 0RY E . 17.35 -6.86 -5.69
CAP 0RY E . 17.24 -5.85 -6.56
CAK 0RY E . 16.29 -4.81 -6.59
CAI 0RY E . 18.29 -5.83 -7.49
CAH 0RY E . 18.36 -4.79 -8.40
CAJ 0RY E . 17.40 -3.78 -8.43
CAQ 0RY E . 16.34 -3.78 -7.54
CAN 0RY E . 15.31 -2.61 -7.61
OAC 0RY E . 14.91 -2.22 -8.71
NAA 0RY E . 14.75 -2.19 -6.47
N NO3 F . 6.72 15.29 -5.75
O1 NO3 F . 6.17 15.60 -6.97
O2 NO3 F . 6.30 15.94 -4.59
O3 NO3 F . 7.77 14.36 -5.73
OAB 0RY G . 12.60 -10.84 -5.45
CAM 0RY G . 13.44 -11.29 -4.60
OAE 0RY G . 13.11 -11.83 -3.51
CAF 0RY G . 14.81 -11.14 -4.89
CAG 0RY G . 15.96 -11.50 -4.14
CAO 0RY G . 16.04 -12.14 -2.91
OAD 0RY G . 17.17 -12.35 -2.47
NAL 0RY G . 14.89 -12.36 -2.26
CAP 0RY G . 14.60 -13.05 -1.16
CAK 0RY G . 13.32 -12.81 -0.58
CAI 0RY G . 15.42 -14.05 -0.64
CAH 0RY G . 14.98 -14.77 0.48
CAJ 0RY G . 13.73 -14.52 1.06
CAQ 0RY G . 12.90 -13.52 0.54
CAN 0RY G . 11.56 -13.25 1.21
OAC 0RY G . 11.42 -13.37 2.43
NAA 0RY G . 10.60 -12.89 0.41
OAB 0RY H . -19.58 10.73 4.51
CAM 0RY H . -19.05 9.59 4.64
OAE 0RY H . -19.56 8.54 4.22
CAF 0RY H . -17.76 9.61 5.24
CAG 0RY H . -16.84 8.60 5.60
CAO 0RY H . -16.92 7.19 5.49
OAD 0RY H . -15.98 6.56 5.95
NAL 0RY H . -17.92 6.59 4.89
CAP 0RY H . -18.11 5.22 4.86
CAK 0RY H . -17.18 4.17 4.70
CAI 0RY H . -19.44 4.84 5.08
CAH 0RY H . -19.84 3.52 5.10
CAJ 0RY H . -18.96 2.50 4.92
CAQ 0RY H . -17.61 2.82 4.74
CAN 0RY H . -16.70 1.64 4.51
OAC 0RY H . -17.14 0.69 3.88
NAA 0RY H . -15.44 1.75 4.93
N NO3 I . -5.68 -14.66 7.81
O1 NO3 I . -5.97 -15.46 6.75
O2 NO3 I . -6.51 -13.59 8.09
O3 NO3 I . -4.53 -14.91 8.55
OAB 0RY J . -13.15 10.81 -0.21
CAM 0RY J . -14.01 9.95 -0.55
OAE 0RY J . -13.83 9.12 -1.49
CAF 0RY J . -15.30 9.95 0.05
CAG 0RY J . -15.82 10.77 1.09
CAO 0RY J . -15.30 11.86 1.79
OAD 0RY J . -16.02 12.46 2.59
NAL 0RY J . -14.04 12.24 1.59
CAP 0RY J . -13.48 13.38 2.00
CAK 0RY J . -12.16 13.46 1.77
CAI 0RY J . -14.14 14.55 2.40
CAH 0RY J . -13.45 15.75 2.64
CAJ 0RY J . -12.08 15.78 2.45
CAQ 0RY J . -11.46 14.61 2.03
CAN 0RY J . -9.98 14.51 1.78
OAC 0RY J . -9.20 15.21 2.38
NAA 0RY J . -9.60 13.53 0.96
#